data_1NT6
# 
_entry.id   1NT6 
# 
_audit_conform.dict_name       mmcif_pdbx.dic 
_audit_conform.dict_version    5.397 
_audit_conform.dict_location   http://mmcif.pdb.org/dictionaries/ascii/mmcif_pdbx.dic 
# 
loop_
_database_2.database_id 
_database_2.database_code 
_database_2.pdbx_database_accession 
_database_2.pdbx_DOI 
PDB   1NT6         pdb_00001nt6 10.2210/pdb1nt6/pdb 
RCSB  RCSB018178   ?            ?                   
WWPDB D_1000018178 ?            ?                   
# 
loop_
_pdbx_audit_revision_history.ordinal 
_pdbx_audit_revision_history.data_content_type 
_pdbx_audit_revision_history.major_revision 
_pdbx_audit_revision_history.minor_revision 
_pdbx_audit_revision_history.revision_date 
1 'Structure model' 1 0 2003-02-11 
2 'Structure model' 1 1 2011-06-14 
3 'Structure model' 1 2 2011-07-13 
4 'Structure model' 1 3 2011-07-27 
5 'Structure model' 1 4 2012-12-12 
6 'Structure model' 2 0 2023-11-15 
7 'Structure model' 2 1 2024-10-30 
# 
_pdbx_audit_revision_details.ordinal             1 
_pdbx_audit_revision_details.revision_ordinal    1 
_pdbx_audit_revision_details.data_content_type   'Structure model' 
_pdbx_audit_revision_details.provider            repository 
_pdbx_audit_revision_details.type                'Initial release' 
_pdbx_audit_revision_details.description         ? 
_pdbx_audit_revision_details.details             ? 
# 
loop_
_pdbx_audit_revision_group.ordinal 
_pdbx_audit_revision_group.revision_ordinal 
_pdbx_audit_revision_group.data_content_type 
_pdbx_audit_revision_group.group 
1  2 'Structure model' 'Version format compliance' 
2  3 'Structure model' 'Version format compliance' 
3  4 'Structure model' 'Atomic model'              
4  4 'Structure model' 'Database references'       
5  4 'Structure model' 'Derived calculations'      
6  4 'Structure model' 'Non-polymer description'   
7  4 'Structure model' 'Structure summary'         
8  5 'Structure model' Other                       
9  6 'Structure model' 'Atomic model'              
10 6 'Structure model' 'Data collection'           
11 6 'Structure model' 'Database references'       
12 6 'Structure model' 'Derived calculations'      
13 7 'Structure model' 'Structure summary'         
# 
loop_
_pdbx_audit_revision_category.ordinal 
_pdbx_audit_revision_category.revision_ordinal 
_pdbx_audit_revision_category.data_content_type 
_pdbx_audit_revision_category.category 
1 6 'Structure model' atom_site                 
2 6 'Structure model' chem_comp_atom            
3 6 'Structure model' chem_comp_bond            
4 6 'Structure model' database_2                
5 6 'Structure model' struct_conn               
6 6 'Structure model' struct_ref_seq_dif        
7 7 'Structure model' pdbx_entry_details        
8 7 'Structure model' pdbx_modification_feature 
# 
loop_
_pdbx_audit_revision_item.ordinal 
_pdbx_audit_revision_item.revision_ordinal 
_pdbx_audit_revision_item.data_content_type 
_pdbx_audit_revision_item.item 
1 6 'Structure model' '_atom_site.auth_atom_id'                      
2 6 'Structure model' '_atom_site.label_atom_id'                     
3 6 'Structure model' '_database_2.pdbx_DOI'                         
4 6 'Structure model' '_database_2.pdbx_database_accession'          
5 6 'Structure model' '_struct_conn.pdbx_leaving_atom_flag'          
6 6 'Structure model' '_struct_ref_seq_dif.details'                  
7 7 'Structure model' '_pdbx_entry_details.has_protein_modification' 
# 
_pdbx_database_status.status_code                     REL 
_pdbx_database_status.entry_id                        1NT6 
_pdbx_database_status.recvd_initial_deposition_date   2003-01-28 
_pdbx_database_status.deposit_site                    RCSB 
_pdbx_database_status.process_site                    RCSB 
_pdbx_database_status.SG_entry                        . 
_pdbx_database_status.status_code_sf                  ? 
_pdbx_database_status.status_code_mr                  ? 
_pdbx_database_status.status_code_cs                  ? 
_pdbx_database_status.methods_development_category    ? 
_pdbx_database_status.pdb_format_compatible           Y 
_pdbx_database_status.status_code_nmr_data            ? 
# 
loop_
_pdbx_database_related.db_name 
_pdbx_database_related.db_id 
_pdbx_database_related.content_type 
_pdbx_database_related.details 
PDB 1TK2 unspecified 'CRYSTAL STRUCTURE OF GRAMICIDIN S COMPLEXED WITH ALKALINE PROTEINASE SAVINASE' 
PDB 2XDC unspecified 'CRYSTAL STRUCTURE OF GRAMICIDIN A FROM CRYSTALS GROWN IN A LIPID CUBIC PHASE.' 
PDB 1AV2 unspecified 'CRYSTAL STRUCTURE OF GRAMICIDIN A COMPLEXED WITH CESIUM CHLORIDE' 
PDB 1BDW unspecified 'CRYSTAL STRUCTURE OF GRAMICIDIN A FROM BACILLUS BREVIS' 
PDB 1C4D unspecified 'CRYSTAL STRUCTURE OF GRAMICIDIN A COMPLEXED WITH CESIUM CHLORIDE' 
PDB 1GMK unspecified 'CRYSTAL STRUCTURE OF GRAMICIDIN A COMPLRXED WITH POTASSIUM THIOCYANATE' 
PDB 1GRM unspecified 'SOLUTION STRUCTURE OF THE GRAMICIDIN A' 
PDB 1JNO unspecified 'SOLUTION STRUCTURE OF GRAMICIDIN A IN SODIUM DODECYL SULFATE MICELLES' 
PDB 1KQE unspecified 'SOLUTION STRUCTURE OF A LINKED SHORTENED GRAMICIDIN A IN BENZENE/ACETONE 10:1' 
PDB 1MAG unspecified 'SOLID STATE NMR STRUCTURE OF GRAMICIDIN A IN HYDRATED DMPC BILAYERS,' 
PDB 1MIC unspecified 'SOLUTION STRUCTURE OF GRAMICIDIN A IN METHANOL IN THE PRESENCE OF CACL' 
PDB 1NG8 unspecified 'SOLUTION STRUCTURE OF GRAMICIDIN A (W15G) IN SODIUM DODECYL SULFATE MICELLES' 
PDB 1NRM unspecified 'SOLUTION STRUCTURE OF GRAMICIDIN A IN DODECYL PHOSPHOCHOLINE MICELLES' 
PDB 1NRU unspecified 'SOLUTION STRUCTURE OF GRAMICIDIN A IN DODECYL PHOSPHOCHOLINE MICELLES IN THE PRESENCE OF EXCESS NA+' 
PDB 1NT5 unspecified 'SOLUTION STRUCTURE OF GRAMICIDIN A (V1F) IN SODIUM DODECYL SULFATE MICELLES' 
PDB 1JO3 unspecified 'SOLUTION STRUCTURE OF GRAMICIDIN B IN SODIUM DODECYL SULFATE MICELLES' 
PDB 1JO4 unspecified 'SOLUTION STRUCTURE OF GRAMICIDIN C IN SODIUM DODECYL SULFATE MICELLES' 
PDB 1TKQ unspecified 
'SOLUTION STRUCTURE OF A LINKED UNSYMMETRIC GRAMICIDIN A IN A MEMBRANE-ISOELECTRICAL SOLVENTS MIXTURE, IN THE PRESENCE OF CSCL' 
PDB 1W5U unspecified 'CRYSTAL STRUCTURE OF GRAMICIDIN D IN ETHANOL' 
PDB 2IZQ unspecified 'CRYSTAL STRUCTURE OF GRAMICIDIN D COMPLEX WITH KI IN METHANOL' 
PDB 3L8L unspecified 'CRYSTAL STRUCTURE OF GRAMICIDIN D COMPLEX WITH NAI' 
PDB 1AL4 unspecified 'CRYSTAL STRUCTURE OF GRAMICIDIN D IN N-PROPANOL' 
PDB 1ALX unspecified 'CRYSTAL STRUCTURE OF GRAMICIDIN D IN METHANOL' 
PDB 1ALZ unspecified 'CRYSTAL STRUCTURE OF GRAMICIDIN D IN ETHANOL' 
# 
loop_
_audit_author.name 
_audit_author.pdbx_ordinal 
'Townsley, L.E.' 1 
'Fletcher, T.G.' 2 
'Hinton, J.F.'   3 
# 
_citation.id                        primary 
_citation.title                     
'The Structure, Cation Binding, Transport, and Conductance of Gly15-Gramicidin a Incorporated Into Sds Micelles and Pc/Pg Vesicles.' 
_citation.journal_abbrev            Biochemistry 
_citation.journal_volume            42 
_citation.page_first                1401 
_citation.page_last                 ? 
_citation.year                      2003 
_citation.journal_id_ASTM           BICHAW 
_citation.country                   US 
_citation.journal_id_ISSN           0006-2960 
_citation.journal_id_CSD            0033 
_citation.book_publisher            ? 
_citation.pdbx_database_id_PubMed   12578352 
_citation.pdbx_database_id_DOI      10.1021/BI0204286 
# 
loop_
_citation_author.citation_id 
_citation_author.name 
_citation_author.ordinal 
_citation_author.identifier_ORCID 
primary 'Sham, S.S.'       1 ? 
primary 'Shobana, S.'      2 ? 
primary 'Townsley, L.E.'   3 ? 
primary 'Jordan, J.B.'     4 ? 
primary 'Fernandez, J.Q.'  5 ? 
primary 'Andersen, O.S.'   6 ? 
primary 'Greathouse, D.V.' 7 ? 
primary 'Hinton, J.F.'     8 ? 
# 
_entity.id                         1 
_entity.type                       polymer 
_entity.src_method                 syn 
_entity.pdbx_description           'GRAMICIDIN C' 
_entity.formula_weight             1907.301 
_entity.pdbx_number_of_molecules   2 
_entity.pdbx_ec                    ? 
_entity.pdbx_mutation              ? 
_entity.pdbx_fragment              ? 
_entity.details                    ? 
# 
_entity_poly.entity_id                      1 
_entity_poly.type                           'polypeptide(L)' 
_entity_poly.nstd_linkage                   no 
_entity_poly.nstd_monomer                   yes 
_entity_poly.pdbx_seq_one_letter_code       '(QPH)GA(DLE)A(DVA)V(DVA)W(DLE)Y(DLE)W(DLE)W(ETA)' 
_entity_poly.pdbx_seq_one_letter_code_can   FGALAVVVWLYLWLWX 
_entity_poly.pdbx_strand_id                 A,B 
_entity_poly.pdbx_target_identifier         ? 
# 
loop_
_entity_poly_seq.entity_id 
_entity_poly_seq.num 
_entity_poly_seq.mon_id 
_entity_poly_seq.hetero 
1 1  QPH n 
1 2  GLY n 
1 3  ALA n 
1 4  DLE n 
1 5  ALA n 
1 6  DVA n 
1 7  VAL n 
1 8  DVA n 
1 9  TRP n 
1 10 DLE n 
1 11 TYR n 
1 12 DLE n 
1 13 TRP n 
1 14 DLE n 
1 15 TRP n 
1 16 ETA n 
# 
_pdbx_entity_src_syn.entity_id              1 
_pdbx_entity_src_syn.pdbx_src_id            1 
_pdbx_entity_src_syn.pdbx_alt_source_flag   sample 
_pdbx_entity_src_syn.pdbx_beg_seq_num       ? 
_pdbx_entity_src_syn.pdbx_end_seq_num       ? 
_pdbx_entity_src_syn.organism_scientific    'BREVIBACILLUS BREVIS' 
_pdbx_entity_src_syn.organism_common_name   ? 
_pdbx_entity_src_syn.ncbi_taxonomy_id       1393 
_pdbx_entity_src_syn.details                ? 
# 
loop_
_chem_comp.id 
_chem_comp.type 
_chem_comp.mon_nstd_flag 
_chem_comp.name 
_chem_comp.pdbx_synonyms 
_chem_comp.formula 
_chem_comp.formula_weight 
ALA 'L-peptide linking'               y ALANINE                  ? 'C3 H7 N O2'    89.093  
DLE 'D-peptide linking'               . D-LEUCINE                ? 'C6 H13 N O2'   131.173 
DVA 'D-peptide linking'               . D-VALINE                 ? 'C5 H11 N O2'   117.146 
ETA 'L-peptide COOH carboxy terminus' . ETHANOLAMINE             ? 'C2 H7 N O'     61.083  
FVA 'L-peptide linking'               n N-formyl-L-valine        ? 'C6 H11 N O3'   145.156 
GLY 'peptide linking'                 y GLYCINE                  ? 'C2 H5 N O2'    75.067  
QPH 'L-peptide linking'               n N-formyl-L-phenylalanine ? 'C10 H11 N O3'  193.199 
TRP 'L-peptide linking'               y TRYPTOPHAN               ? 'C11 H12 N2 O2' 204.225 
TYR 'L-peptide linking'               y TYROSINE                 ? 'C9 H11 N O3'   181.189 
VAL 'L-peptide linking'               y VALINE                   ? 'C5 H11 N O2'   117.146 
# 
loop_
_pdbx_poly_seq_scheme.asym_id 
_pdbx_poly_seq_scheme.entity_id 
_pdbx_poly_seq_scheme.seq_id 
_pdbx_poly_seq_scheme.mon_id 
_pdbx_poly_seq_scheme.ndb_seq_num 
_pdbx_poly_seq_scheme.pdb_seq_num 
_pdbx_poly_seq_scheme.auth_seq_num 
_pdbx_poly_seq_scheme.pdb_mon_id 
_pdbx_poly_seq_scheme.auth_mon_id 
_pdbx_poly_seq_scheme.pdb_strand_id 
_pdbx_poly_seq_scheme.pdb_ins_code 
_pdbx_poly_seq_scheme.hetero 
A 1 1  QPH 1  1  1  QPH QPH A . n 
A 1 2  GLY 2  2  2  GLY GLY A . n 
A 1 3  ALA 3  3  3  ALA ALA A . n 
A 1 4  DLE 4  4  4  DLE DLE A . n 
A 1 5  ALA 5  5  5  ALA ALA A . n 
A 1 6  DVA 6  6  6  DVA DVA A . n 
A 1 7  VAL 7  7  7  VAL VAL A . n 
A 1 8  DVA 8  8  8  DVA DVA A . n 
A 1 9  TRP 9  9  9  TRP TRP A . n 
A 1 10 DLE 10 10 10 DLE DLE A . n 
A 1 11 TYR 11 11 11 TYR TYR A . n 
A 1 12 DLE 12 12 12 DLE DLE A . n 
A 1 13 TRP 13 13 13 TRP TRP A . n 
A 1 14 DLE 14 14 14 DLE DLE A . n 
A 1 15 TRP 15 15 15 TRP TRP A . n 
A 1 16 ETA 16 16 16 ETA ETA A . n 
B 1 1  QPH 1  1  1  QPH QPH B . n 
B 1 2  GLY 2  2  2  GLY GLY B . n 
B 1 3  ALA 3  3  3  ALA ALA B . n 
B 1 4  DLE 4  4  4  DLE DLE B . n 
B 1 5  ALA 5  5  5  ALA ALA B . n 
B 1 6  DVA 6  6  6  DVA DVA B . n 
B 1 7  VAL 7  7  7  VAL VAL B . n 
B 1 8  DVA 8  8  8  DVA DVA B . n 
B 1 9  TRP 9  9  9  TRP TRP B . n 
B 1 10 DLE 10 10 10 DLE DLE B . n 
B 1 11 TYR 11 11 11 TYR TYR B . n 
B 1 12 DLE 12 12 12 DLE DLE B . n 
B 1 13 TRP 13 13 13 TRP TRP B . n 
B 1 14 DLE 14 14 14 DLE DLE B . n 
B 1 15 TRP 15 15 15 TRP TRP B . n 
B 1 16 ETA 16 16 16 ETA ETA B . n 
# 
_cell.entry_id           1NT6 
_cell.length_a           1.000 
_cell.length_b           1.000 
_cell.length_c           1.000 
_cell.angle_alpha        90.00 
_cell.angle_beta         90.00 
_cell.angle_gamma        90.00 
_cell.Z_PDB              1 
_cell.pdbx_unique_axis   ? 
# 
_symmetry.entry_id                         1NT6 
_symmetry.space_group_name_H-M             'P 1' 
_symmetry.pdbx_full_space_group_name_H-M   ? 
_symmetry.cell_setting                     ? 
_symmetry.Int_Tables_number                1 
# 
_exptl.entry_id          1NT6 
_exptl.method            'SOLUTION NMR' 
_exptl.crystals_number   ? 
# 
_exptl_crystal.id                    1 
_exptl_crystal.density_meas          ? 
_exptl_crystal.density_Matthews      ? 
_exptl_crystal.density_percent_sol   ? 
_exptl_crystal.description           ? 
# 
_diffrn.id                     1 
_diffrn.ambient_temp           ? 
_diffrn.ambient_temp_details   ? 
_diffrn.crystal_id             1 
# 
_diffrn_radiation.diffrn_id                        1 
_diffrn_radiation.wavelength_id                    1 
_diffrn_radiation.pdbx_monochromatic_or_laue_m_l   M 
_diffrn_radiation.monochromator                    ? 
_diffrn_radiation.pdbx_diffrn_protocol             'SINGLE WAVELENGTH' 
_diffrn_radiation.pdbx_scattering_type             x-ray 
# 
_diffrn_radiation_wavelength.id           1 
_diffrn_radiation_wavelength.wavelength   . 
_diffrn_radiation_wavelength.wt           1.0 
# 
_struct.entry_id                  1NT6 
_struct.title                     'F1-Gramicidin C In Sodium Dodecyl Sulfate Micelles (NMR)' 
_struct.pdbx_model_details        ? 
_struct.pdbx_CASP_flag            ? 
_struct.pdbx_model_type_details   'minimized average' 
# 
_struct_keywords.entry_id        1NT6 
_struct_keywords.pdbx_keywords   ANTIBIOTIC 
_struct_keywords.text            
'GRAMICIDIN, ANTIFUNGAL, ANTIBACTERIAL, SDS MICELLES, MEMBRANE ION CHANNEL, LINEAR GRAMICIDIN, ANTIBIOTIC' 
# 
loop_
_struct_asym.id 
_struct_asym.pdbx_blank_PDB_chainid_flag 
_struct_asym.pdbx_modified 
_struct_asym.entity_id 
_struct_asym.details 
A N N 1 ? 
B N N 1 ? 
# 
_struct_ref.id                         1 
_struct_ref.db_name                    NOR 
_struct_ref.db_code                    NOR00245 
_struct_ref.entity_id                  1 
_struct_ref.pdbx_seq_one_letter_code   ? 
_struct_ref.pdbx_align_begin           ? 
_struct_ref.pdbx_db_accession          NOR00245 
_struct_ref.pdbx_db_isoform            ? 
# 
loop_
_struct_ref_seq.align_id 
_struct_ref_seq.ref_id 
_struct_ref_seq.pdbx_PDB_id_code 
_struct_ref_seq.pdbx_strand_id 
_struct_ref_seq.seq_align_beg 
_struct_ref_seq.pdbx_seq_align_beg_ins_code 
_struct_ref_seq.seq_align_end 
_struct_ref_seq.pdbx_seq_align_end_ins_code 
_struct_ref_seq.pdbx_db_accession 
_struct_ref_seq.db_align_beg 
_struct_ref_seq.pdbx_db_align_beg_ins_code 
_struct_ref_seq.db_align_end 
_struct_ref_seq.pdbx_db_align_end_ins_code 
_struct_ref_seq.pdbx_auth_seq_align_beg 
_struct_ref_seq.pdbx_auth_seq_align_end 
1 1 1NT6 A 1 ? 16 ? NOR00245 1 ? 16 ? 1 16 
2 1 1NT6 B 1 ? 16 ? NOR00245 1 ? 16 ? 1 16 
# 
loop_
_struct_ref_seq_dif.align_id 
_struct_ref_seq_dif.pdbx_pdb_id_code 
_struct_ref_seq_dif.mon_id 
_struct_ref_seq_dif.pdbx_pdb_strand_id 
_struct_ref_seq_dif.seq_num 
_struct_ref_seq_dif.pdbx_pdb_ins_code 
_struct_ref_seq_dif.pdbx_seq_db_name 
_struct_ref_seq_dif.pdbx_seq_db_accession_code 
_struct_ref_seq_dif.db_mon_id 
_struct_ref_seq_dif.pdbx_seq_db_seq_num 
_struct_ref_seq_dif.details 
_struct_ref_seq_dif.pdbx_auth_seq_num 
_struct_ref_seq_dif.pdbx_ordinal 
1 1NT6 QPH A 1 ? NOR NOR00245 FVA 1 'engineered mutation' 1 1 
2 1NT6 QPH B 1 ? NOR NOR00245 FVA 1 'engineered mutation' 1 2 
# 
_pdbx_struct_assembly.id                   1 
_pdbx_struct_assembly.details              author_and_software_defined_assembly 
_pdbx_struct_assembly.method_details       PISA 
_pdbx_struct_assembly.oligomeric_details   dimeric 
_pdbx_struct_assembly.oligomeric_count     2 
# 
loop_
_pdbx_struct_assembly_prop.biol_id 
_pdbx_struct_assembly_prop.type 
_pdbx_struct_assembly_prop.value 
_pdbx_struct_assembly_prop.details 
1 'ABSA (A^2)' 860  ? 
1 MORE         -5.0 ? 
1 'SSA (A^2)'  2730 ? 
# 
_pdbx_struct_assembly_gen.assembly_id       1 
_pdbx_struct_assembly_gen.oper_expression   1 
_pdbx_struct_assembly_gen.asym_id_list      A,B 
# 
_pdbx_struct_oper_list.id                   1 
_pdbx_struct_oper_list.type                 'identity operation' 
_pdbx_struct_oper_list.name                 1_555 
_pdbx_struct_oper_list.symmetry_operation   x,y,z 
_pdbx_struct_oper_list.matrix[1][1]         1.0000000000 
_pdbx_struct_oper_list.matrix[1][2]         0.0000000000 
_pdbx_struct_oper_list.matrix[1][3]         0.0000000000 
_pdbx_struct_oper_list.vector[1]            0.0000000000 
_pdbx_struct_oper_list.matrix[2][1]         0.0000000000 
_pdbx_struct_oper_list.matrix[2][2]         1.0000000000 
_pdbx_struct_oper_list.matrix[2][3]         0.0000000000 
_pdbx_struct_oper_list.vector[2]            0.0000000000 
_pdbx_struct_oper_list.matrix[3][1]         0.0000000000 
_pdbx_struct_oper_list.matrix[3][2]         0.0000000000 
_pdbx_struct_oper_list.matrix[3][3]         1.0000000000 
_pdbx_struct_oper_list.vector[3]            0.0000000000 
# 
_struct_biol.id        1 
_struct_biol.details   ? 
# 
loop_
_struct_conn.id 
_struct_conn.conn_type_id 
_struct_conn.pdbx_leaving_atom_flag 
_struct_conn.pdbx_PDB_id 
_struct_conn.ptnr1_label_asym_id 
_struct_conn.ptnr1_label_comp_id 
_struct_conn.ptnr1_label_seq_id 
_struct_conn.ptnr1_label_atom_id 
_struct_conn.pdbx_ptnr1_label_alt_id 
_struct_conn.pdbx_ptnr1_PDB_ins_code 
_struct_conn.pdbx_ptnr1_standard_comp_id 
_struct_conn.ptnr1_symmetry 
_struct_conn.ptnr2_label_asym_id 
_struct_conn.ptnr2_label_comp_id 
_struct_conn.ptnr2_label_seq_id 
_struct_conn.ptnr2_label_atom_id 
_struct_conn.pdbx_ptnr2_label_alt_id 
_struct_conn.pdbx_ptnr2_PDB_ins_code 
_struct_conn.ptnr1_auth_asym_id 
_struct_conn.ptnr1_auth_comp_id 
_struct_conn.ptnr1_auth_seq_id 
_struct_conn.ptnr2_auth_asym_id 
_struct_conn.ptnr2_auth_comp_id 
_struct_conn.ptnr2_auth_seq_id 
_struct_conn.ptnr2_symmetry 
_struct_conn.pdbx_ptnr3_label_atom_id 
_struct_conn.pdbx_ptnr3_label_seq_id 
_struct_conn.pdbx_ptnr3_label_comp_id 
_struct_conn.pdbx_ptnr3_label_asym_id 
_struct_conn.pdbx_ptnr3_label_alt_id 
_struct_conn.pdbx_ptnr3_PDB_ins_code 
_struct_conn.details 
_struct_conn.pdbx_dist_value 
_struct_conn.pdbx_value_order 
_struct_conn.pdbx_role 
covale1  covale both ? A QPH 1  C ? ? ? 1_555 A GLY 2  N ? ? A QPH 1  A GLY 2  1_555 ? ? ? ? ? ? ? 1.339 ? ? 
covale2  covale both ? A ALA 3  C ? ? ? 1_555 A DLE 4  N ? ? A ALA 3  A DLE 4  1_555 ? ? ? ? ? ? ? 1.339 ? ? 
covale3  covale both ? A DLE 4  C ? ? ? 1_555 A ALA 5  N ? ? A DLE 4  A ALA 5  1_555 ? ? ? ? ? ? ? 1.339 ? ? 
covale4  covale both ? A ALA 5  C ? ? ? 1_555 A DVA 6  N ? ? A ALA 5  A DVA 6  1_555 ? ? ? ? ? ? ? 1.337 ? ? 
covale5  covale both ? A DVA 6  C ? ? ? 1_555 A VAL 7  N ? ? A DVA 6  A VAL 7  1_555 ? ? ? ? ? ? ? 1.340 ? ? 
covale6  covale both ? A VAL 7  C ? ? ? 1_555 A DVA 8  N ? ? A VAL 7  A DVA 8  1_555 ? ? ? ? ? ? ? 1.342 ? ? 
covale7  covale both ? A DVA 8  C ? ? ? 1_555 A TRP 9  N ? ? A DVA 8  A TRP 9  1_555 ? ? ? ? ? ? ? 1.339 ? ? 
covale8  covale both ? A TRP 9  C ? ? ? 1_555 A DLE 10 N ? ? A TRP 9  A DLE 10 1_555 ? ? ? ? ? ? ? 1.339 ? ? 
covale9  covale both ? A DLE 10 C ? ? ? 1_555 A TYR 11 N ? ? A DLE 10 A TYR 11 1_555 ? ? ? ? ? ? ? 1.340 ? ? 
covale10 covale both ? A TYR 11 C ? ? ? 1_555 A DLE 12 N ? ? A TYR 11 A DLE 12 1_555 ? ? ? ? ? ? ? 1.340 ? ? 
covale11 covale both ? A DLE 12 C ? ? ? 1_555 A TRP 13 N ? ? A DLE 12 A TRP 13 1_555 ? ? ? ? ? ? ? 1.341 ? ? 
covale12 covale both ? A TRP 13 C ? ? ? 1_555 A DLE 14 N ? ? A TRP 13 A DLE 14 1_555 ? ? ? ? ? ? ? 1.339 ? ? 
covale13 covale both ? A DLE 14 C ? ? ? 1_555 A TRP 15 N ? ? A DLE 14 A TRP 15 1_555 ? ? ? ? ? ? ? 1.340 ? ? 
covale14 covale both ? A TRP 15 C ? ? ? 1_555 A ETA 16 N ? ? A TRP 15 A ETA 16 1_555 ? ? ? ? ? ? ? 1.338 ? ? 
covale15 covale both ? B QPH 1  C ? ? ? 1_555 B GLY 2  N ? ? B QPH 1  B GLY 2  1_555 ? ? ? ? ? ? ? 1.339 ? ? 
covale16 covale both ? B ALA 3  C ? ? ? 1_555 B DLE 4  N ? ? B ALA 3  B DLE 4  1_555 ? ? ? ? ? ? ? 1.340 ? ? 
covale17 covale both ? B DLE 4  C ? ? ? 1_555 B ALA 5  N ? ? B DLE 4  B ALA 5  1_555 ? ? ? ? ? ? ? 1.338 ? ? 
covale18 covale both ? B ALA 5  C ? ? ? 1_555 B DVA 6  N ? ? B ALA 5  B DVA 6  1_555 ? ? ? ? ? ? ? 1.337 ? ? 
covale19 covale both ? B DVA 6  C ? ? ? 1_555 B VAL 7  N ? ? B DVA 6  B VAL 7  1_555 ? ? ? ? ? ? ? 1.341 ? ? 
covale20 covale both ? B VAL 7  C ? ? ? 1_555 B DVA 8  N ? ? B VAL 7  B DVA 8  1_555 ? ? ? ? ? ? ? 1.342 ? ? 
covale21 covale both ? B DVA 8  C ? ? ? 1_555 B TRP 9  N ? ? B DVA 8  B TRP 9  1_555 ? ? ? ? ? ? ? 1.340 ? ? 
covale22 covale both ? B TRP 9  C ? ? ? 1_555 B DLE 10 N ? ? B TRP 9  B DLE 10 1_555 ? ? ? ? ? ? ? 1.340 ? ? 
covale23 covale both ? B DLE 10 C ? ? ? 1_555 B TYR 11 N ? ? B DLE 10 B TYR 11 1_555 ? ? ? ? ? ? ? 1.340 ? ? 
covale24 covale both ? B TYR 11 C ? ? ? 1_555 B DLE 12 N ? ? B TYR 11 B DLE 12 1_555 ? ? ? ? ? ? ? 1.340 ? ? 
covale25 covale both ? B DLE 12 C ? ? ? 1_555 B TRP 13 N ? ? B DLE 12 B TRP 13 1_555 ? ? ? ? ? ? ? 1.340 ? ? 
covale26 covale both ? B TRP 13 C ? ? ? 1_555 B DLE 14 N ? ? B TRP 13 B DLE 14 1_555 ? ? ? ? ? ? ? 1.339 ? ? 
covale27 covale both ? B DLE 14 C ? ? ? 1_555 B TRP 15 N ? ? B DLE 14 B TRP 15 1_555 ? ? ? ? ? ? ? 1.340 ? ? 
covale28 covale both ? B TRP 15 C ? ? ? 1_555 B ETA 16 N ? ? B TRP 15 B ETA 16 1_555 ? ? ? ? ? ? ? 1.338 ? ? 
# 
_struct_conn_type.id          covale 
_struct_conn_type.criteria    ? 
_struct_conn_type.reference   ? 
# 
loop_
_pdbx_modification_feature.ordinal 
_pdbx_modification_feature.label_comp_id 
_pdbx_modification_feature.label_asym_id 
_pdbx_modification_feature.label_seq_id 
_pdbx_modification_feature.label_alt_id 
_pdbx_modification_feature.modified_residue_label_comp_id 
_pdbx_modification_feature.modified_residue_label_asym_id 
_pdbx_modification_feature.modified_residue_label_seq_id 
_pdbx_modification_feature.modified_residue_label_alt_id 
_pdbx_modification_feature.auth_comp_id 
_pdbx_modification_feature.auth_asym_id 
_pdbx_modification_feature.auth_seq_id 
_pdbx_modification_feature.PDB_ins_code 
_pdbx_modification_feature.symmetry 
_pdbx_modification_feature.modified_residue_auth_comp_id 
_pdbx_modification_feature.modified_residue_auth_asym_id 
_pdbx_modification_feature.modified_residue_auth_seq_id 
_pdbx_modification_feature.modified_residue_PDB_ins_code 
_pdbx_modification_feature.modified_residue_symmetry 
_pdbx_modification_feature.comp_id_linking_atom 
_pdbx_modification_feature.modified_residue_id_linking_atom 
_pdbx_modification_feature.modified_residue_id 
_pdbx_modification_feature.ref_pcm_id 
_pdbx_modification_feature.ref_comp_id 
_pdbx_modification_feature.type 
_pdbx_modification_feature.category 
1 QPH A 1  ? . . . . QPH A 1  ? 1_555 . . . . . . . PHE 1 QPH Formylation 'Named protein modification' 
2 QPH B 1  ? . . . . QPH B 1  ? 1_555 . . . . . . . PHE 1 QPH Formylation 'Named protein modification' 
3 ETA A 16 ? . . . . ETA A 16 ? 1_555 . . . . . . . ?   1 ETA None        'Non-standard residue'       
4 ETA B 16 ? . . . . ETA B 16 ? 1_555 . . . . . . . ?   1 ETA None        'Non-standard residue'       
# 
_struct_sheet.id               AA 
_struct_sheet.type             ? 
_struct_sheet.number_strands   2 
_struct_sheet.details          ? 
# 
_struct_sheet_order.sheet_id     AA 
_struct_sheet_order.range_id_1   1 
_struct_sheet_order.range_id_2   2 
_struct_sheet_order.offset       ? 
_struct_sheet_order.sense        anti-parallel 
# 
loop_
_struct_sheet_range.sheet_id 
_struct_sheet_range.id 
_struct_sheet_range.beg_label_comp_id 
_struct_sheet_range.beg_label_asym_id 
_struct_sheet_range.beg_label_seq_id 
_struct_sheet_range.pdbx_beg_PDB_ins_code 
_struct_sheet_range.end_label_comp_id 
_struct_sheet_range.end_label_asym_id 
_struct_sheet_range.end_label_seq_id 
_struct_sheet_range.pdbx_end_PDB_ins_code 
_struct_sheet_range.beg_auth_comp_id 
_struct_sheet_range.beg_auth_asym_id 
_struct_sheet_range.beg_auth_seq_id 
_struct_sheet_range.end_auth_comp_id 
_struct_sheet_range.end_auth_asym_id 
_struct_sheet_range.end_auth_seq_id 
AA 1 GLY A 2 ? TRP A 15 ? GLY A 2 TRP A 15 
AA 2 GLY B 2 ? TRP B 15 ? GLY B 2 TRP B 15 
# 
_pdbx_struct_sheet_hbond.sheet_id                AA 
_pdbx_struct_sheet_hbond.range_id_1              1 
_pdbx_struct_sheet_hbond.range_id_2              2 
_pdbx_struct_sheet_hbond.range_1_label_atom_id   N 
_pdbx_struct_sheet_hbond.range_1_label_comp_id   ALA 
_pdbx_struct_sheet_hbond.range_1_label_asym_id   A 
_pdbx_struct_sheet_hbond.range_1_label_seq_id    3 
_pdbx_struct_sheet_hbond.range_1_PDB_ins_code    ? 
_pdbx_struct_sheet_hbond.range_1_auth_atom_id    N 
_pdbx_struct_sheet_hbond.range_1_auth_comp_id    ALA 
_pdbx_struct_sheet_hbond.range_1_auth_asym_id    A 
_pdbx_struct_sheet_hbond.range_1_auth_seq_id     3 
_pdbx_struct_sheet_hbond.range_2_label_atom_id   O 
_pdbx_struct_sheet_hbond.range_2_label_comp_id   ALA 
_pdbx_struct_sheet_hbond.range_2_label_asym_id   B 
_pdbx_struct_sheet_hbond.range_2_label_seq_id    3 
_pdbx_struct_sheet_hbond.range_2_PDB_ins_code    ? 
_pdbx_struct_sheet_hbond.range_2_auth_atom_id    O 
_pdbx_struct_sheet_hbond.range_2_auth_comp_id    ALA 
_pdbx_struct_sheet_hbond.range_2_auth_asym_id    B 
_pdbx_struct_sheet_hbond.range_2_auth_seq_id     3 
# 
loop_
_struct_site.id 
_struct_site.pdbx_evidence_code 
_struct_site.pdbx_auth_asym_id 
_struct_site.pdbx_auth_comp_id 
_struct_site.pdbx_auth_seq_id 
_struct_site.pdbx_auth_ins_code 
_struct_site.pdbx_num_residues 
_struct_site.details 
AC1 Software ? ? ? ? 4 'BINDING SITE FOR CHAIN A OF GRAMICIDIN C' 
AC2 Software ? ? ? ? 4 'BINDING SITE FOR CHAIN B OF GRAMICIDIN C' 
# 
loop_
_struct_site_gen.id 
_struct_site_gen.site_id 
_struct_site_gen.pdbx_num_res 
_struct_site_gen.label_comp_id 
_struct_site_gen.label_asym_id 
_struct_site_gen.label_seq_id 
_struct_site_gen.pdbx_auth_ins_code 
_struct_site_gen.auth_comp_id 
_struct_site_gen.auth_asym_id 
_struct_site_gen.auth_seq_id 
_struct_site_gen.label_atom_id 
_struct_site_gen.label_alt_id 
_struct_site_gen.symmetry 
_struct_site_gen.details 
1 AC1 4 GLY B 2 ? GLY B 2 . ? 1_555 ? 
2 AC1 4 ALA B 3 ? ALA B 3 . ? 1_555 ? 
3 AC1 4 DLE B 4 ? DLE B 4 . ? 1_555 ? 
4 AC1 4 ALA B 5 ? ALA B 5 . ? 1_555 ? 
5 AC2 4 GLY A 2 ? GLY A 2 . ? 1_555 ? 
6 AC2 4 ALA A 3 ? ALA A 3 . ? 1_555 ? 
7 AC2 4 DLE A 4 ? DLE A 4 . ? 1_555 ? 
8 AC2 4 ALA A 5 ? ALA A 5 . ? 1_555 ? 
# 
_pdbx_entry_details.entry_id                   1NT6 
_pdbx_entry_details.compound_details           
;GRAMICIDIN IS A HETEROGENEOUS MIXTURE OF SEVERAL COMPOUNDS
 INCLUDING GRAMICIDIN A, B AND C WHICH ARE OBTAINED FROM
 BACILLUS BREVIS AND CALLED COLLECTIVELY GRAMICIDIN D
 HERE, GRAMICIDIN C IS REPRESENTED BY THE SEQUENCE (SEQRES)
;
_pdbx_entry_details.source_details             ? 
_pdbx_entry_details.nonpolymer_details         ? 
_pdbx_entry_details.sequence_details           ? 
_pdbx_entry_details.has_ligand_of_interest     ? 
_pdbx_entry_details.has_protein_modification   Y 
# 
loop_
_pdbx_validate_torsion.id 
_pdbx_validate_torsion.PDB_model_num 
_pdbx_validate_torsion.auth_comp_id 
_pdbx_validate_torsion.auth_asym_id 
_pdbx_validate_torsion.auth_seq_id 
_pdbx_validate_torsion.PDB_ins_code 
_pdbx_validate_torsion.label_alt_id 
_pdbx_validate_torsion.phi 
_pdbx_validate_torsion.psi 
1 1 DLE A 4 ? ? 157.94 -87.34 
2 1 DLE B 4 ? ? 157.86 -87.34 
# 
_pdbx_molecule_features.prd_id    PRD_001128 
_pdbx_molecule_features.name      'GRAMICIDIN C' 
_pdbx_molecule_features.type      Polypeptide 
_pdbx_molecule_features.class     Antibiotic 
_pdbx_molecule_features.details   
;GRAMICIDIN A IS A HEXADECAMERIC HELICAL PEPTIDE WITH ALTERNATING D,L CHARACTERISTICS. THE N-TERM IS FORMYLATED (RESIDUE 0). THE C-TERM IS CAPPED WITH ETHANOLAMINE (RESIDUE 16)
;
# 
loop_
_pdbx_molecule.instance_id 
_pdbx_molecule.prd_id 
_pdbx_molecule.asym_id 
1 PRD_001128 A 
2 PRD_001128 B 
# 
_pdbx_nmr_ensemble.entry_id                                      1NT6 
_pdbx_nmr_ensemble.conformers_calculated_total_number            ? 
_pdbx_nmr_ensemble.conformers_submitted_total_number             1 
_pdbx_nmr_ensemble.conformer_selection_criteria                  ? 
_pdbx_nmr_ensemble.average_constraints_per_residue               ? 
_pdbx_nmr_ensemble.average_constraint_violations_per_residue     ? 
_pdbx_nmr_ensemble.maximum_distance_constraint_violation         ? 
_pdbx_nmr_ensemble.average_distance_constraint_violation         ? 
_pdbx_nmr_ensemble.maximum_upper_distance_constraint_violation   ? 
_pdbx_nmr_ensemble.maximum_lower_distance_constraint_violation   ? 
_pdbx_nmr_ensemble.distance_constraint_violation_method          ? 
_pdbx_nmr_ensemble.maximum_torsion_angle_constraint_violation    ? 
_pdbx_nmr_ensemble.average_torsion_angle_constraint_violation    ? 
_pdbx_nmr_ensemble.torsion_angle_constraint_violation_method     ? 
# 
_pdbx_nmr_representative.entry_id             1NT6 
_pdbx_nmr_representative.conformer_id         ? 
_pdbx_nmr_representative.selection_criteria   'minimized average structure' 
# 
_pdbx_nmr_sample_details.solution_id      1 
_pdbx_nmr_sample_details.contents         
'5MM F1-GRAMICIDIN C, 250MM DEUTERATED SODIUM DODECYL SULFATE, 80% 100MM PHOSPHATE BUFFER PH 6.5, 10% D2O, 10% DEUTERATED TFE' 
_pdbx_nmr_sample_details.solvent_system   ? 
# 
_pdbx_nmr_exptl_sample_conditions.conditions_id       1 
_pdbx_nmr_exptl_sample_conditions.temperature         328 
_pdbx_nmr_exptl_sample_conditions.pressure_units      ? 
_pdbx_nmr_exptl_sample_conditions.pressure            AMBIENT 
_pdbx_nmr_exptl_sample_conditions.pH                  6.5 
_pdbx_nmr_exptl_sample_conditions.ionic_strength      ? 
_pdbx_nmr_exptl_sample_conditions.temperature_units   K 
# 
_pdbx_nmr_exptl.experiment_id   1 
_pdbx_nmr_exptl.conditions_id   1 
_pdbx_nmr_exptl.type            '2D NOESY' 
_pdbx_nmr_exptl.solution_id     1 
# 
_pdbx_nmr_details.entry_id   1NT6 
_pdbx_nmr_details.text       'A 40MSEC MIXING TIME WAS USED IN THE NOESY EXPERIMENT FROM WHICH DISTANCE CONSTRAINTS WERE OBTAINED.' 
# 
_pdbx_nmr_refine.entry_id           1NT6 
_pdbx_nmr_refine.method             'DISTANCE GEOMETRY, SIMULATED ANNEALING, RELAXATION MATRIX CALCULATION, MINIMIZATION' 
_pdbx_nmr_refine.details            
;THE STRUCTURE WAS MODELED USING 602 DISTANCE CONSTRAINTS AND 13 HYDROGEN BOND CONSTRAINTS PER MONOMER, INCLUDING CONSTRAINTS BETWEEN THE MONOMERS. THE C2 SYMMETRY CONSTRAINT DOUBLES THIS NUMBER OF CONSTRAINTS FOR THE DIMER. 100 STRUCTURES WERE GENERATED USING DSPACE, OF WHICH THE 10 WITH THE FEWEST VIOLATIONS FROM THE DISTANCE CONSTRAINTS WERE CHOSEN FOR THE AVERAGE STRUCTURE. THIS AVERAGE STRUCTURE WAS FURTHER REFINED BY CONSTRAINED MINIMIZATION WITH DISCOVER USING THE ALL-ATOM AMBER FORCE FIELD AND A DIELECTRIC CONSTANT OF 2.0 TO EMULATE THAT OF THE MICELLE INTERIOR.
;
_pdbx_nmr_refine.software_ordinal   1 
# 
loop_
_pdbx_nmr_software.classification 
_pdbx_nmr_software.name 
_pdbx_nmr_software.version 
_pdbx_nmr_software.authors 
_pdbx_nmr_software.ordinal 
refinement           'DISCOVER 97.2' ? BIOSYM/MSI 1 
'structure solution' 'VNMR 3.2'      ? ?          2 
'structure solution' 'FELIX 95.0'    ? ?          3 
'structure solution' 'DSPACE 4.0'    ? ?          4 
# 
loop_
_chem_comp_atom.comp_id 
_chem_comp_atom.atom_id 
_chem_comp_atom.type_symbol 
_chem_comp_atom.pdbx_aromatic_flag 
_chem_comp_atom.pdbx_stereo_config 
_chem_comp_atom.pdbx_ordinal 
ALA N    N N N 1   
ALA CA   C N S 2   
ALA C    C N N 3   
ALA O    O N N 4   
ALA CB   C N N 5   
ALA OXT  O N N 6   
ALA H    H N N 7   
ALA H2   H N N 8   
ALA HA   H N N 9   
ALA HB1  H N N 10  
ALA HB2  H N N 11  
ALA HB3  H N N 12  
ALA HXT  H N N 13  
DLE N    N N N 14  
DLE CA   C N R 15  
DLE CB   C N N 16  
DLE CG   C N N 17  
DLE CD1  C N N 18  
DLE CD2  C N N 19  
DLE C    C N N 20  
DLE O    O N N 21  
DLE OXT  O N N 22  
DLE H    H N N 23  
DLE H2   H N N 24  
DLE HA   H N N 25  
DLE HB2  H N N 26  
DLE HB3  H N N 27  
DLE HG   H N N 28  
DLE HD11 H N N 29  
DLE HD12 H N N 30  
DLE HD13 H N N 31  
DLE HD21 H N N 32  
DLE HD22 H N N 33  
DLE HD23 H N N 34  
DLE HXT  H N N 35  
DVA N    N N N 36  
DVA CA   C N R 37  
DVA CB   C N N 38  
DVA CG1  C N N 39  
DVA CG2  C N N 40  
DVA C    C N N 41  
DVA O    O N N 42  
DVA OXT  O N N 43  
DVA H    H N N 44  
DVA H2   H N N 45  
DVA HA   H N N 46  
DVA HB   H N N 47  
DVA HG11 H N N 48  
DVA HG12 H N N 49  
DVA HG13 H N N 50  
DVA HG21 H N N 51  
DVA HG22 H N N 52  
DVA HG23 H N N 53  
DVA HXT  H N N 54  
ETA CA   C N N 55  
ETA N    N N N 56  
ETA C    C N N 57  
ETA O    O N N 58  
ETA HA1  H N N 59  
ETA HA2  H N N 60  
ETA H    H N N 61  
ETA H2   H N N 62  
ETA HB1  H N N 63  
ETA HB2  H N N 64  
ETA HO   H N N 65  
FVA C    C N N 66  
FVA N    N N N 67  
FVA O    O N N 68  
FVA CA   C N S 69  
FVA CB   C N N 70  
FVA CG1  C N N 71  
FVA CG2  C N N 72  
FVA H    H N N 73  
FVA HA   H N N 74  
FVA HB   H N N 75  
FVA HG11 H N N 76  
FVA HG12 H N N 77  
FVA HG13 H N N 78  
FVA HG21 H N N 79  
FVA HG22 H N N 80  
FVA HG23 H N N 81  
FVA O1   O N N 82  
FVA CN   C N N 83  
FVA HN   H N N 84  
FVA OXT  O N N 85  
FVA HXT  H N N 86  
GLY N    N N N 87  
GLY CA   C N N 88  
GLY C    C N N 89  
GLY O    O N N 90  
GLY OXT  O N N 91  
GLY H    H N N 92  
GLY H2   H N N 93  
GLY HA2  H N N 94  
GLY HA3  H N N 95  
GLY HXT  H N N 96  
QPH C    C N N 97  
QPH N    N N N 98  
QPH O    O N N 99  
QPH CA   C N S 100 
QPH CB   C N N 101 
QPH CG   C Y N 102 
QPH CZ   C Y N 103 
QPH CD1  C Y N 104 
QPH CD2  C Y N 105 
QPH CE1  C Y N 106 
QPH CE2  C Y N 107 
QPH H    H N N 108 
QPH HA   H N N 109 
QPH HZ   H N N 110 
QPH HB2  H N N 111 
QPH HB3  H N N 112 
QPH HD1  H N N 113 
QPH HD2  H N N 114 
QPH HE1  H N N 115 
QPH HE2  H N N 116 
QPH O1   O N N 117 
QPH CN   C N N 118 
QPH HNA  H N N 119 
QPH OXT  O N N 120 
QPH HXT  H N N 121 
TRP N    N N N 122 
TRP CA   C N S 123 
TRP C    C N N 124 
TRP O    O N N 125 
TRP CB   C N N 126 
TRP CG   C Y N 127 
TRP CD1  C Y N 128 
TRP CD2  C Y N 129 
TRP NE1  N Y N 130 
TRP CE2  C Y N 131 
TRP CE3  C Y N 132 
TRP CZ2  C Y N 133 
TRP CZ3  C Y N 134 
TRP CH2  C Y N 135 
TRP OXT  O N N 136 
TRP H    H N N 137 
TRP H2   H N N 138 
TRP HA   H N N 139 
TRP HB2  H N N 140 
TRP HB3  H N N 141 
TRP HD1  H N N 142 
TRP HE1  H N N 143 
TRP HE3  H N N 144 
TRP HZ2  H N N 145 
TRP HZ3  H N N 146 
TRP HH2  H N N 147 
TRP HXT  H N N 148 
TYR N    N N N 149 
TYR CA   C N S 150 
TYR C    C N N 151 
TYR O    O N N 152 
TYR CB   C N N 153 
TYR CG   C Y N 154 
TYR CD1  C Y N 155 
TYR CD2  C Y N 156 
TYR CE1  C Y N 157 
TYR CE2  C Y N 158 
TYR CZ   C Y N 159 
TYR OH   O N N 160 
TYR OXT  O N N 161 
TYR H    H N N 162 
TYR H2   H N N 163 
TYR HA   H N N 164 
TYR HB2  H N N 165 
TYR HB3  H N N 166 
TYR HD1  H N N 167 
TYR HD2  H N N 168 
TYR HE1  H N N 169 
TYR HE2  H N N 170 
TYR HH   H N N 171 
TYR HXT  H N N 172 
VAL N    N N N 173 
VAL CA   C N S 174 
VAL C    C N N 175 
VAL O    O N N 176 
VAL CB   C N N 177 
VAL CG1  C N N 178 
VAL CG2  C N N 179 
VAL OXT  O N N 180 
VAL H    H N N 181 
VAL H2   H N N 182 
VAL HA   H N N 183 
VAL HB   H N N 184 
VAL HG11 H N N 185 
VAL HG12 H N N 186 
VAL HG13 H N N 187 
VAL HG21 H N N 188 
VAL HG22 H N N 189 
VAL HG23 H N N 190 
VAL HXT  H N N 191 
# 
loop_
_chem_comp_bond.comp_id 
_chem_comp_bond.atom_id_1 
_chem_comp_bond.atom_id_2 
_chem_comp_bond.value_order 
_chem_comp_bond.pdbx_aromatic_flag 
_chem_comp_bond.pdbx_stereo_config 
_chem_comp_bond.pdbx_ordinal 
ALA N    CA   sing N N 1   
ALA N    H    sing N N 2   
ALA N    H2   sing N N 3   
ALA CA   C    sing N N 4   
ALA CA   CB   sing N N 5   
ALA CA   HA   sing N N 6   
ALA C    O    doub N N 7   
ALA C    OXT  sing N N 8   
ALA CB   HB1  sing N N 9   
ALA CB   HB2  sing N N 10  
ALA CB   HB3  sing N N 11  
ALA OXT  HXT  sing N N 12  
DLE N    CA   sing N N 13  
DLE N    H    sing N N 14  
DLE N    H2   sing N N 15  
DLE CA   CB   sing N N 16  
DLE CA   C    sing N N 17  
DLE CA   HA   sing N N 18  
DLE CB   CG   sing N N 19  
DLE CB   HB2  sing N N 20  
DLE CB   HB3  sing N N 21  
DLE CG   CD1  sing N N 22  
DLE CG   CD2  sing N N 23  
DLE CG   HG   sing N N 24  
DLE CD1  HD11 sing N N 25  
DLE CD1  HD12 sing N N 26  
DLE CD1  HD13 sing N N 27  
DLE CD2  HD21 sing N N 28  
DLE CD2  HD22 sing N N 29  
DLE CD2  HD23 sing N N 30  
DLE C    O    doub N N 31  
DLE C    OXT  sing N N 32  
DLE OXT  HXT  sing N N 33  
DVA N    CA   sing N N 34  
DVA N    H    sing N N 35  
DVA N    H2   sing N N 36  
DVA CA   CB   sing N N 37  
DVA CA   C    sing N N 38  
DVA CA   HA   sing N N 39  
DVA CB   CG1  sing N N 40  
DVA CB   CG2  sing N N 41  
DVA CB   HB   sing N N 42  
DVA CG1  HG11 sing N N 43  
DVA CG1  HG12 sing N N 44  
DVA CG1  HG13 sing N N 45  
DVA CG2  HG21 sing N N 46  
DVA CG2  HG22 sing N N 47  
DVA CG2  HG23 sing N N 48  
DVA C    O    doub N N 49  
DVA C    OXT  sing N N 50  
DVA OXT  HXT  sing N N 51  
ETA CA   N    sing N N 52  
ETA CA   C    sing N N 53  
ETA CA   HA1  sing N N 54  
ETA CA   HA2  sing N N 55  
ETA N    H    sing N N 56  
ETA N    H2   sing N N 57  
ETA C    O    sing N N 58  
ETA C    HB1  sing N N 59  
ETA C    HB2  sing N N 60  
ETA O    HO   sing N N 61  
FVA O    C    doub N N 62  
FVA C    CA   sing N N 63  
FVA H    N    sing N N 64  
FVA N    CN   sing N N 65  
FVA N    CA   sing N N 66  
FVA CB   CA   sing N N 67  
FVA CA   HA   sing N N 68  
FVA HB   CB   sing N N 69  
FVA CB   CG2  sing N N 70  
FVA CB   CG1  sing N N 71  
FVA HG13 CG1  sing N N 72  
FVA HG12 CG1  sing N N 73  
FVA CG1  HG11 sing N N 74  
FVA HG22 CG2  sing N N 75  
FVA HG23 CG2  sing N N 76  
FVA CG2  HG21 sing N N 77  
FVA CN   O1   doub N N 78  
FVA HN   CN   sing N N 79  
FVA C    OXT  sing N N 80  
FVA OXT  HXT  sing N N 81  
GLY N    CA   sing N N 82  
GLY N    H    sing N N 83  
GLY N    H2   sing N N 84  
GLY CA   C    sing N N 85  
GLY CA   HA2  sing N N 86  
GLY CA   HA3  sing N N 87  
GLY C    O    doub N N 88  
GLY C    OXT  sing N N 89  
GLY OXT  HXT  sing N N 90  
QPH CA   C    sing N N 91  
QPH O    C    doub N N 92  
QPH CN   N    sing N N 93  
QPH H    N    sing N N 94  
QPH N    CA   sing N N 95  
QPH HA   CA   sing N N 96  
QPH CA   CB   sing N N 97  
QPH HB2  CB   sing N N 98  
QPH HB3  CB   sing N N 99  
QPH CB   CG   sing N N 100 
QPH CG   CD1  doub Y N 101 
QPH CG   CD2  sing Y N 102 
QPH CE1  CZ   doub Y N 103 
QPH CE2  CZ   sing Y N 104 
QPH CZ   HZ   sing N N 105 
QPH HD1  CD1  sing N N 106 
QPH CD1  CE1  sing Y N 107 
QPH HD2  CD2  sing N N 108 
QPH CD2  CE2  doub Y N 109 
QPH CE1  HE1  sing N N 110 
QPH CE2  HE2  sing N N 111 
QPH CN   O1   doub N N 112 
QPH HNA  CN   sing N N 113 
QPH C    OXT  sing N N 114 
QPH OXT  HXT  sing N N 115 
TRP N    CA   sing N N 116 
TRP N    H    sing N N 117 
TRP N    H2   sing N N 118 
TRP CA   C    sing N N 119 
TRP CA   CB   sing N N 120 
TRP CA   HA   sing N N 121 
TRP C    O    doub N N 122 
TRP C    OXT  sing N N 123 
TRP CB   CG   sing N N 124 
TRP CB   HB2  sing N N 125 
TRP CB   HB3  sing N N 126 
TRP CG   CD1  doub Y N 127 
TRP CG   CD2  sing Y N 128 
TRP CD1  NE1  sing Y N 129 
TRP CD1  HD1  sing N N 130 
TRP CD2  CE2  doub Y N 131 
TRP CD2  CE3  sing Y N 132 
TRP NE1  CE2  sing Y N 133 
TRP NE1  HE1  sing N N 134 
TRP CE2  CZ2  sing Y N 135 
TRP CE3  CZ3  doub Y N 136 
TRP CE3  HE3  sing N N 137 
TRP CZ2  CH2  doub Y N 138 
TRP CZ2  HZ2  sing N N 139 
TRP CZ3  CH2  sing Y N 140 
TRP CZ3  HZ3  sing N N 141 
TRP CH2  HH2  sing N N 142 
TRP OXT  HXT  sing N N 143 
TYR N    CA   sing N N 144 
TYR N    H    sing N N 145 
TYR N    H2   sing N N 146 
TYR CA   C    sing N N 147 
TYR CA   CB   sing N N 148 
TYR CA   HA   sing N N 149 
TYR C    O    doub N N 150 
TYR C    OXT  sing N N 151 
TYR CB   CG   sing N N 152 
TYR CB   HB2  sing N N 153 
TYR CB   HB3  sing N N 154 
TYR CG   CD1  doub Y N 155 
TYR CG   CD2  sing Y N 156 
TYR CD1  CE1  sing Y N 157 
TYR CD1  HD1  sing N N 158 
TYR CD2  CE2  doub Y N 159 
TYR CD2  HD2  sing N N 160 
TYR CE1  CZ   doub Y N 161 
TYR CE1  HE1  sing N N 162 
TYR CE2  CZ   sing Y N 163 
TYR CE2  HE2  sing N N 164 
TYR CZ   OH   sing N N 165 
TYR OH   HH   sing N N 166 
TYR OXT  HXT  sing N N 167 
VAL N    CA   sing N N 168 
VAL N    H    sing N N 169 
VAL N    H2   sing N N 170 
VAL CA   C    sing N N 171 
VAL CA   CB   sing N N 172 
VAL CA   HA   sing N N 173 
VAL C    O    doub N N 174 
VAL C    OXT  sing N N 175 
VAL CB   CG1  sing N N 176 
VAL CB   CG2  sing N N 177 
VAL CB   HB   sing N N 178 
VAL CG1  HG11 sing N N 179 
VAL CG1  HG12 sing N N 180 
VAL CG1  HG13 sing N N 181 
VAL CG2  HG21 sing N N 182 
VAL CG2  HG22 sing N N 183 
VAL CG2  HG23 sing N N 184 
VAL OXT  HXT  sing N N 185 
# 
_pdbx_nmr_spectrometer.spectrometer_id   1 
_pdbx_nmr_spectrometer.model             VXRS 
_pdbx_nmr_spectrometer.manufacturer      Varian 
_pdbx_nmr_spectrometer.field_strength    500 
_pdbx_nmr_spectrometer.type              ? 
# 
_atom_sites.entry_id                    1NT6 
_atom_sites.fract_transf_matrix[1][1]   1.000000 
_atom_sites.fract_transf_matrix[1][2]   0.000000 
_atom_sites.fract_transf_matrix[1][3]   0.000000 
_atom_sites.fract_transf_matrix[2][1]   0.000000 
_atom_sites.fract_transf_matrix[2][2]   1.000000 
_atom_sites.fract_transf_matrix[2][3]   0.000000 
_atom_sites.fract_transf_matrix[3][1]   0.000000 
_atom_sites.fract_transf_matrix[3][2]   0.000000 
_atom_sites.fract_transf_matrix[3][3]   1.000000 
_atom_sites.fract_transf_vector[1]      0.00000 
_atom_sites.fract_transf_vector[2]      0.00000 
_atom_sites.fract_transf_vector[3]      0.00000 
# 
loop_
_atom_type.symbol 
C 
H 
N 
O 
# 
loop_
_atom_site.group_PDB 
_atom_site.id 
_atom_site.type_symbol 
_atom_site.label_atom_id 
_atom_site.label_alt_id 
_atom_site.label_comp_id 
_atom_site.label_asym_id 
_atom_site.label_entity_id 
_atom_site.label_seq_id 
_atom_site.pdbx_PDB_ins_code 
_atom_site.Cartn_x 
_atom_site.Cartn_y 
_atom_site.Cartn_z 
_atom_site.occupancy 
_atom_site.B_iso_or_equiv 
_atom_site.pdbx_formal_charge 
_atom_site.auth_seq_id 
_atom_site.auth_comp_id 
_atom_site.auth_asym_id 
_atom_site.auth_atom_id 
_atom_site.pdbx_PDB_model_num 
HETATM 1   C C    . QPH A 1 1  ? 2.316  1.334   -0.351  1.00 0.00 ? 1  QPH A C    1 
HETATM 2   N N    . QPH A 1 1  ? 3.315  -0.561  0.952   1.00 0.00 ? 1  QPH A N    1 
HETATM 3   O O    . QPH A 1 1  ? 1.538  0.632   -1.000  1.00 0.00 ? 1  QPH A O    1 
HETATM 4   C CA   . QPH A 1 1  ? 3.574  0.718   0.293   1.00 0.00 ? 1  QPH A CA   1 
HETATM 5   C CB   . QPH A 1 1  ? 4.662  0.499   -0.770  1.00 0.00 ? 1  QPH A CB   1 
HETATM 6   C CG   . QPH A 1 1  ? 5.383  1.758   -1.199  1.00 0.00 ? 1  QPH A CG   1 
HETATM 7   C CZ   . QPH A 1 1  ? 6.658  4.170   -1.913  1.00 0.00 ? 1  QPH A CZ   1 
HETATM 8   C CD1  . QPH A 1 1  ? 4.812  2.592   -2.182  1.00 0.00 ? 1  QPH A CD1  1 
HETATM 9   C CD2  . QPH A 1 1  ? 6.602  2.116   -0.585  1.00 0.00 ? 1  QPH A CD2  1 
HETATM 10  C CE1  . QPH A 1 1  ? 5.447  3.801   -2.537  1.00 0.00 ? 1  QPH A CE1  1 
HETATM 11  C CE2  . QPH A 1 1  ? 7.238  3.326   -0.941  1.00 0.00 ? 1  QPH A CE2  1 
HETATM 12  H H    . QPH A 1 1  ? 2.644  -1.181  0.515   1.00 0.00 ? 1  QPH A H    1 
HETATM 13  H HA   . QPH A 1 1  ? 3.962  1.409   1.040   1.00 0.00 ? 1  QPH A HA   1 
HETATM 14  H HZ   . QPH A 1 1  ? 7.142  5.099   -2.181  1.00 0.00 ? 1  QPH A HZ   1 
HETATM 15  H HB2  . QPH A 1 1  ? 5.402  -0.222  -0.417  1.00 0.00 ? 1  QPH A HB2  1 
HETATM 16  H HB3  . QPH A 1 1  ? 4.189  0.069   -1.649  1.00 0.00 ? 1  QPH A HB3  1 
HETATM 17  H HD1  . QPH A 1 1  ? 3.883  2.295   -2.646  1.00 0.00 ? 1  QPH A HD1  1 
HETATM 18  O O1   . QPH A 1 1  ? 4.878  -0.331  2.556   1.00 0.00 ? 1  QPH A O1   1 
HETATM 19  H HD2  . QPH A 1 1  ? 7.036  1.464   0.162   1.00 0.00 ? 1  QPH A HD2  1 
HETATM 20  C CN   . QPH A 1 1  ? 4.053  -1.026  1.965   1.00 0.00 ? 1  QPH A CN   1 
HETATM 21  H HE1  . QPH A 1 1  ? 5.005  4.443   -3.287  1.00 0.00 ? 1  QPH A HE1  1 
HETATM 22  H HE2  . QPH A 1 1  ? 8.166  3.608   -0.464  1.00 0.00 ? 1  QPH A HE2  1 
HETATM 23  H HNA  . QPH A 1 1  ? 3.929  -2.058  2.274   1.00 0.00 ? 1  QPH A HNA  1 
ATOM   24  N N    . GLY A 1 2  ? 2.171  2.661   -0.254  1.00 0.00 ? 2  GLY A N    1 
ATOM   25  C CA   . GLY A 1 2  ? 1.165  3.446   -0.971  1.00 0.00 ? 2  GLY A CA   1 
ATOM   26  C C    . GLY A 1 2  ? -0.139 3.638   -0.182  1.00 0.00 ? 2  GLY A C    1 
ATOM   27  O O    . GLY A 1 2  ? -0.109 3.826   1.032   1.00 0.00 ? 2  GLY A O    1 
ATOM   28  H H    . GLY A 1 2  ? 2.844  3.158   0.316   1.00 0.00 ? 2  GLY A H    1 
ATOM   29  H HA2  . GLY A 1 2  ? 1.585  4.433   -1.167  1.00 0.00 ? 2  GLY A HA2  1 
ATOM   30  H HA3  . GLY A 1 2  ? 0.957  2.989   -1.938  1.00 0.00 ? 2  GLY A HA3  1 
ATOM   31  N N    . ALA A 1 3  ? -1.283 3.642   -0.880  1.00 0.00 ? 3  ALA A N    1 
ATOM   32  C CA   . ALA A 1 3  ? -2.602 3.947   -0.318  1.00 0.00 ? 3  ALA A CA   1 
ATOM   33  C C    . ALA A 1 3  ? -3.296 2.686   0.236   1.00 0.00 ? 3  ALA A C    1 
ATOM   34  O O    . ALA A 1 3  ? -3.863 1.899   -0.521  1.00 0.00 ? 3  ALA A O    1 
ATOM   35  C CB   . ALA A 1 3  ? -3.451 4.663   -1.379  1.00 0.00 ? 3  ALA A CB   1 
ATOM   36  H H    . ALA A 1 3  ? -1.231 3.427   -1.868  1.00 0.00 ? 3  ALA A H    1 
ATOM   37  H HA   . ALA A 1 3  ? -2.488 4.667   0.495   1.00 0.00 ? 3  ALA A HA   1 
ATOM   38  H HB1  . ALA A 1 3  ? -3.591 4.027   -2.252  1.00 0.00 ? 3  ALA A HB1  1 
ATOM   39  H HB2  . ALA A 1 3  ? -4.428 4.915   -0.964  1.00 0.00 ? 3  ALA A HB2  1 
ATOM   40  H HB3  . ALA A 1 3  ? -2.957 5.585   -1.691  1.00 0.00 ? 3  ALA A HB3  1 
HETATM 41  N N    . DLE A 1 4  ? -3.262 2.520   1.563   1.00 0.00 ? 4  DLE A N    1 
HETATM 42  C CA   . DLE A 1 4  ? -3.842 1.400   2.311   1.00 0.00 ? 4  DLE A CA   1 
HETATM 43  C CB   . DLE A 1 4  ? -5.373 1.571   2.422   1.00 0.00 ? 4  DLE A CB   1 
HETATM 44  C CG   . DLE A 1 4  ? -6.123 0.261   2.744   1.00 0.00 ? 4  DLE A CG   1 
HETATM 45  C CD1  . DLE A 1 4  ? -5.894 -0.202  4.189   1.00 0.00 ? 4  DLE A CD1  1 
HETATM 46  C CD2  . DLE A 1 4  ? -7.628 0.463   2.517   1.00 0.00 ? 4  DLE A CD2  1 
HETATM 47  C C    . DLE A 1 4  ? -3.136 1.289   3.675   1.00 0.00 ? 4  DLE A C    1 
HETATM 48  O O    . DLE A 1 4  ? -3.569 1.876   4.669   1.00 0.00 ? 4  DLE A O    1 
HETATM 49  H H    . DLE A 1 4  ? -2.759 3.219   2.096   1.00 0.00 ? 4  DLE A H    1 
HETATM 50  H HA   . DLE A 1 4  ? -3.655 0.483   1.753   1.00 0.00 ? 4  DLE A HA   1 
HETATM 51  H HB2  . DLE A 1 4  ? -5.617 2.326   3.173   1.00 0.00 ? 4  DLE A HB2  1 
HETATM 52  H HB3  . DLE A 1 4  ? -5.749 1.926   1.460   1.00 0.00 ? 4  DLE A HB3  1 
HETATM 53  H HG   . DLE A 1 4  ? -5.793 -0.521  2.057   1.00 0.00 ? 4  DLE A HG   1 
HETATM 54  H HD11 . DLE A 1 4  ? -6.091 0.629   4.863   1.00 0.00 ? 4  DLE A HD11 1 
HETATM 55  H HD12 . DLE A 1 4  ? -6.564 -1.025  4.438   1.00 0.00 ? 4  DLE A HD12 1 
HETATM 56  H HD13 . DLE A 1 4  ? -4.872 -0.548  4.337   1.00 0.00 ? 4  DLE A HD13 1 
HETATM 57  H HD21 . DLE A 1 4  ? -7.813 0.753   1.482   1.00 0.00 ? 4  DLE A HD21 1 
HETATM 58  H HD22 . DLE A 1 4  ? -8.162 -0.467  2.715   1.00 0.00 ? 4  DLE A HD22 1 
HETATM 59  H HD23 . DLE A 1 4  ? -8.007 1.242   3.180   1.00 0.00 ? 4  DLE A HD23 1 
ATOM   60  N N    . ALA A 1 5  ? -2.020 0.549   3.714   1.00 0.00 ? 5  ALA A N    1 
ATOM   61  C CA   . ALA A 1 5  ? -1.133 0.469   4.875   1.00 0.00 ? 5  ALA A CA   1 
ATOM   62  C C    . ALA A 1 5  ? 0.334  0.238   4.473   1.00 0.00 ? 5  ALA A C    1 
ATOM   63  O O    . ALA A 1 5  ? 0.631  -0.159  3.346   1.00 0.00 ? 5  ALA A O    1 
ATOM   64  C CB   . ALA A 1 5  ? -1.616 -0.600  5.873   1.00 0.00 ? 5  ALA A CB   1 
ATOM   65  H H    . ALA A 1 5  ? -1.696 0.133   2.848   1.00 0.00 ? 5  ALA A H    1 
ATOM   66  H HA   . ALA A 1 5  ? -1.182 1.437   5.371   1.00 0.00 ? 5  ALA A HA   1 
ATOM   67  H HB1  . ALA A 1 5  ? -2.693 -0.531  6.018   1.00 0.00 ? 5  ALA A HB1  1 
ATOM   68  H HB2  . ALA A 1 5  ? -1.369 -1.604  5.539   1.00 0.00 ? 5  ALA A HB2  1 
ATOM   69  H HB3  . ALA A 1 5  ? -1.122 -0.457  6.834   1.00 0.00 ? 5  ALA A HB3  1 
HETATM 70  N N    . DVA A 1 6  ? 1.252  0.470   5.417   1.00 0.00 ? 6  DVA A N    1 
HETATM 71  C CA   . DVA A 1 6  ? 2.696  0.288   5.251   1.00 0.00 ? 6  DVA A CA   1 
HETATM 72  C CB   . DVA A 1 6  ? 3.224  -0.756  6.261   1.00 0.00 ? 6  DVA A CB   1 
HETATM 73  C CG1  . DVA A 1 6  ? 2.352  -2.027  6.282   1.00 0.00 ? 6  DVA A CG1  1 
HETATM 74  C CG2  . DVA A 1 6  ? 4.671  -1.149  5.923   1.00 0.00 ? 6  DVA A CG2  1 
HETATM 75  C C    . DVA A 1 6  ? 3.392  1.657   5.384   1.00 0.00 ? 6  DVA A C    1 
HETATM 76  O O    . DVA A 1 6  ? 3.249  2.321   6.411   1.00 0.00 ? 6  DVA A O    1 
HETATM 77  H H    . DVA A 1 6  ? 0.920  0.814   6.309   1.00 0.00 ? 6  DVA A H    1 
HETATM 78  H HA   . DVA A 1 6  ? 2.890  -0.118  4.257   1.00 0.00 ? 6  DVA A HA   1 
HETATM 79  H HB   . DVA A 1 6  ? 3.215  -0.325  7.262   1.00 0.00 ? 6  DVA A HB   1 
HETATM 80  H HG11 . DVA A 1 6  ? 2.269  -2.445  5.278   1.00 0.00 ? 6  DVA A HG11 1 
HETATM 81  H HG12 . DVA A 1 6  ? 2.792  -2.774  6.943   1.00 0.00 ? 6  DVA A HG12 1 
HETATM 82  H HG13 . DVA A 1 6  ? 1.351  -1.802  6.653   1.00 0.00 ? 6  DVA A HG13 1 
HETATM 83  H HG21 . DVA A 1 6  ? 5.311  -0.267  5.899   1.00 0.00 ? 6  DVA A HG21 1 
HETATM 84  H HG22 . DVA A 1 6  ? 5.055  -1.835  6.678   1.00 0.00 ? 6  DVA A HG22 1 
HETATM 85  H HG23 . DVA A 1 6  ? 4.712  -1.640  4.951   1.00 0.00 ? 6  DVA A HG23 1 
ATOM   86  N N    . VAL A 1 7  ? 4.102  2.105   4.340   1.00 0.00 ? 7  VAL A N    1 
ATOM   87  C CA   . VAL A 1 7  ? 4.605  3.481   4.201   1.00 0.00 ? 7  VAL A CA   1 
ATOM   88  C C    . VAL A 1 7  ? 3.880  4.189   3.033   1.00 0.00 ? 7  VAL A C    1 
ATOM   89  O O    . VAL A 1 7  ? 3.793  3.639   1.936   1.00 0.00 ? 7  VAL A O    1 
ATOM   90  C CB   . VAL A 1 7  ? 6.150  3.501   4.053   1.00 0.00 ? 7  VAL A CB   1 
ATOM   91  C CG1  . VAL A 1 7  ? 6.902  2.793   5.198   1.00 0.00 ? 7  VAL A CG1  1 
ATOM   92  C CG2  . VAL A 1 7  ? 6.617  2.869   2.740   1.00 0.00 ? 7  VAL A CG2  1 
ATOM   93  H H    . VAL A 1 7  ? 4.213  1.485   3.546   1.00 0.00 ? 7  VAL A H    1 
ATOM   94  H HA   . VAL A 1 7  ? 4.374  4.045   5.104   1.00 0.00 ? 7  VAL A HA   1 
ATOM   95  H HB   . VAL A 1 7  ? 6.474  4.544   4.051   1.00 0.00 ? 7  VAL A HB   1 
ATOM   96  H HG11 . VAL A 1 7  ? 6.511  1.789   5.364   1.00 0.00 ? 7  VAL A HG11 1 
ATOM   97  H HG12 . VAL A 1 7  ? 7.964  2.714   4.976   1.00 0.00 ? 7  VAL A HG12 1 
ATOM   98  H HG13 . VAL A 1 7  ? 6.836  3.360   6.117   1.00 0.00 ? 7  VAL A HG13 1 
ATOM   99  H HG21 . VAL A 1 7  ? 6.253  3.452   1.897   1.00 0.00 ? 7  VAL A HG21 1 
ATOM   100 H HG22 . VAL A 1 7  ? 7.706  2.861   2.701   1.00 0.00 ? 7  VAL A HG22 1 
ATOM   101 H HG23 . VAL A 1 7  ? 6.250  1.846   2.672   1.00 0.00 ? 7  VAL A HG23 1 
HETATM 102 N N    . DVA A 1 8  ? 3.341  5.400   3.243   1.00 0.00 ? 8  DVA A N    1 
HETATM 103 C CA   . DVA A 1 8  ? 2.626  6.167   2.213   1.00 0.00 ? 8  DVA A CA   1 
HETATM 104 C CB   . DVA A 1 8  ? 3.563  7.208   1.555   1.00 0.00 ? 8  DVA A CB   1 
HETATM 105 C CG1  . DVA A 1 8  ? 4.912  6.628   1.092   1.00 0.00 ? 8  DVA A CG1  1 
HETATM 106 C CG2  . DVA A 1 8  ? 2.881  7.846   0.331   1.00 0.00 ? 8  DVA A CG2  1 
HETATM 107 C C    . DVA A 1 8  ? 1.363  6.833   2.801   1.00 0.00 ? 8  DVA A C    1 
HETATM 108 O O    . DVA A 1 8  ? 1.461  7.842   3.497   1.00 0.00 ? 8  DVA A O    1 
HETATM 109 H H    . DVA A 1 8  ? 3.405  5.802   4.170   1.00 0.00 ? 8  DVA A H    1 
HETATM 110 H HA   . DVA A 1 8  ? 2.299  5.494   1.416   1.00 0.00 ? 8  DVA A HA   1 
HETATM 111 H HB   . DVA A 1 8  ? 3.782  7.984   2.288   1.00 0.00 ? 8  DVA A HB   1 
HETATM 112 H HG11 . DVA A 1 8  ? 4.751  5.818   0.380   1.00 0.00 ? 8  DVA A HG11 1 
HETATM 113 H HG12 . DVA A 1 8  ? 5.502  7.410   0.611   1.00 0.00 ? 8  DVA A HG12 1 
HETATM 114 H HG13 . DVA A 1 8  ? 5.483  6.255   1.941   1.00 0.00 ? 8  DVA A HG13 1 
HETATM 115 H HG21 . DVA A 1 8  ? 1.963  8.350   0.621   1.00 0.00 ? 8  DVA A HG21 1 
HETATM 116 H HG22 . DVA A 1 8  ? 3.541  8.580   -0.133  1.00 0.00 ? 8  DVA A HG22 1 
HETATM 117 H HG23 . DVA A 1 8  ? 2.642  7.078   -0.408  1.00 0.00 ? 8  DVA A HG23 1 
ATOM   118 N N    . TRP A 1 9  ? 0.179  6.290   2.488   1.00 0.00 ? 9  TRP A N    1 
ATOM   119 C CA   . TRP A 1 9  ? -1.140 6.824   2.843   1.00 0.00 ? 9  TRP A CA   1 
ATOM   120 C C    . TRP A 1 9  ? -1.989 5.774   3.588   1.00 0.00 ? 9  TRP A C    1 
ATOM   121 O O    . TRP A 1 9  ? -2.104 4.634   3.142   1.00 0.00 ? 9  TRP A O    1 
ATOM   122 C CB   . TRP A 1 9  ? -1.863 7.336   1.574   1.00 0.00 ? 9  TRP A CB   1 
ATOM   123 C CG   . TRP A 1 9  ? -1.926 8.828   1.408   1.00 0.00 ? 9  TRP A CG   1 
ATOM   124 C CD1  . TRP A 1 9  ? -0.863 9.664   1.419   1.00 0.00 ? 9  TRP A CD1  1 
ATOM   125 C CD2  . TRP A 1 9  ? -3.098 9.683   1.237   1.00 0.00 ? 9  TRP A CD2  1 
ATOM   126 N NE1  . TRP A 1 9  ? -1.282 10.970  1.272   1.00 0.00 ? 9  TRP A NE1  1 
ATOM   127 C CE2  . TRP A 1 9  ? -2.655 11.041  1.157   1.00 0.00 ? 9  TRP A CE2  1 
ATOM   128 C CE3  . TRP A 1 9  ? -4.496 9.454   1.153   1.00 0.00 ? 9  TRP A CE3  1 
ATOM   129 C CZ2  . TRP A 1 9  ? -3.549 12.116  0.998   1.00 0.00 ? 9  TRP A CZ2  1 
ATOM   130 C CZ3  . TRP A 1 9  ? -5.402 10.526  0.991   1.00 0.00 ? 9  TRP A CZ3  1 
ATOM   131 C CH2  . TRP A 1 9  ? -4.931 11.854  0.913   1.00 0.00 ? 9  TRP A CH2  1 
ATOM   132 H H    . TRP A 1 9  ? 0.188  5.432   1.954   1.00 0.00 ? 9  TRP A H    1 
ATOM   133 H HA   . TRP A 1 9  ? -1.016 7.674   3.512   1.00 0.00 ? 9  TRP A HA   1 
ATOM   134 H HB2  . TRP A 1 9  ? -1.402 6.916   0.676   1.00 0.00 ? 9  TRP A HB2  1 
ATOM   135 H HB3  . TRP A 1 9  ? -2.895 6.983   1.578   1.00 0.00 ? 9  TRP A HB3  1 
ATOM   136 H HD1  . TRP A 1 9  ? 0.163  9.358   1.549   1.00 0.00 ? 9  TRP A HD1  1 
ATOM   137 H HE1  . TRP A 1 9  ? -0.683 11.783  1.257   1.00 0.00 ? 9  TRP A HE1  1 
ATOM   138 H HE3  . TRP A 1 9  ? -4.873 8.444   1.212   1.00 0.00 ? 9  TRP A HE3  1 
ATOM   139 H HZ2  . TRP A 1 9  ? -3.179 13.131  0.943   1.00 0.00 ? 9  TRP A HZ2  1 
ATOM   140 H HZ3  . TRP A 1 9  ? -6.462 10.328  0.927   1.00 0.00 ? 9  TRP A HZ3  1 
ATOM   141 H HH2  . TRP A 1 9  ? -5.630 12.669  0.789   1.00 0.00 ? 9  TRP A HH2  1 
HETATM 142 N N    . DLE A 1 10 ? -2.621 6.174   4.699   1.00 0.00 ? 10 DLE A N    1 
HETATM 143 C CA   . DLE A 1 10 ? -3.559 5.359   5.479   1.00 0.00 ? 10 DLE A CA   1 
HETATM 144 C CB   . DLE A 1 10 ? -4.897 6.118   5.661   1.00 0.00 ? 10 DLE A CB   1 
HETATM 145 C CG   . DLE A 1 10 ? -6.004 5.732   4.659   1.00 0.00 ? 10 DLE A CG   1 
HETATM 146 C CD1  . DLE A 1 10 ? -5.527 5.766   3.199   1.00 0.00 ? 10 DLE A CD1  1 
HETATM 147 C CD2  . DLE A 1 10 ? -6.623 4.370   5.013   1.00 0.00 ? 10 DLE A CD2  1 
HETATM 148 C C    . DLE A 1 10 ? -2.930 4.959   6.824   1.00 0.00 ? 10 DLE A C    1 
HETATM 149 O O    . DLE A 1 10 ? -2.830 5.783   7.733   1.00 0.00 ? 10 DLE A O    1 
HETATM 150 H H    . DLE A 1 10 ? -2.403 7.100   5.050   1.00 0.00 ? 10 DLE A H    1 
HETATM 151 H HA   . DLE A 1 10 ? -3.782 4.436   4.946   1.00 0.00 ? 10 DLE A HA   1 
HETATM 152 H HB2  . DLE A 1 10 ? -5.295 5.947   6.664   1.00 0.00 ? 10 DLE A HB2  1 
HETATM 153 H HB3  . DLE A 1 10 ? -4.726 7.189   5.577   1.00 0.00 ? 10 DLE A HB3  1 
HETATM 154 H HG   . DLE A 1 10 ? -6.800 6.473   4.754   1.00 0.00 ? 10 DLE A HG   1 
HETATM 155 H HD11 . DLE A 1 10 ? -5.042 6.721   2.992   1.00 0.00 ? 10 DLE A HD11 1 
HETATM 156 H HD12 . DLE A 1 10 ? -4.828 4.956   2.993   1.00 0.00 ? 10 DLE A HD12 1 
HETATM 157 H HD13 . DLE A 1 10 ? -6.382 5.658   2.530   1.00 0.00 ? 10 DLE A HD13 1 
HETATM 158 H HD21 . DLE A 1 10 ? -7.131 4.444   5.975   1.00 0.00 ? 10 DLE A HD21 1 
HETATM 159 H HD22 . DLE A 1 10 ? -7.356 4.082   4.260   1.00 0.00 ? 10 DLE A HD22 1 
HETATM 160 H HD23 . DLE A 1 10 ? -5.861 3.595   5.083   1.00 0.00 ? 10 DLE A HD23 1 
ATOM   161 N N    . TYR A 1 11 ? -2.552 3.681   6.961   1.00 0.00 ? 11 TYR A N    1 
ATOM   162 C CA   . TYR A 1 11 ? -2.166 3.054   8.229   1.00 0.00 ? 11 TYR A CA   1 
ATOM   163 C C    . TYR A 1 11 ? -0.657 2.728   8.261   1.00 0.00 ? 11 TYR A C    1 
ATOM   164 O O    . TYR A 1 11 ? -0.191 1.883   7.500   1.00 0.00 ? 11 TYR A O    1 
ATOM   165 C CB   . TYR A 1 11 ? -3.029 1.791   8.440   1.00 0.00 ? 11 TYR A CB   1 
ATOM   166 C CG   . TYR A 1 11 ? -4.535 1.932   8.218   1.00 0.00 ? 11 TYR A CG   1 
ATOM   167 C CD1  . TYR A 1 11 ? -5.219 3.106   8.613   1.00 0.00 ? 11 TYR A CD1  1 
ATOM   168 C CD2  . TYR A 1 11 ? -5.261 0.884   7.603   1.00 0.00 ? 11 TYR A CD2  1 
ATOM   169 C CE1  . TYR A 1 11 ? -6.614 3.212   8.434   1.00 0.00 ? 11 TYR A CE1  1 
ATOM   170 C CE2  . TYR A 1 11 ? -6.660 0.982   7.449   1.00 0.00 ? 11 TYR A CE2  1 
ATOM   171 C CZ   . TYR A 1 11 ? -7.334 2.147   7.858   1.00 0.00 ? 11 TYR A CZ   1 
ATOM   172 O OH   . TYR A 1 11 ? -8.681 2.248   7.687   1.00 0.00 ? 11 TYR A OH   1 
ATOM   173 H H    . TYR A 1 11 ? -2.685 3.068   6.164   1.00 0.00 ? 11 TYR A H    1 
ATOM   174 H HA   . TYR A 1 11 ? -2.386 3.724   9.063   1.00 0.00 ? 11 TYR A HA   1 
ATOM   175 H HB2  . TYR A 1 11 ? -2.664 1.024   7.760   1.00 0.00 ? 11 TYR A HB2  1 
ATOM   176 H HB3  . TYR A 1 11 ? -2.870 1.427   9.457   1.00 0.00 ? 11 TYR A HB3  1 
ATOM   177 H HD1  . TYR A 1 11 ? -4.680 3.942   9.029   1.00 0.00 ? 11 TYR A HD1  1 
ATOM   178 H HD2  . TYR A 1 11 ? -4.751 0.008   7.224   1.00 0.00 ? 11 TYR A HD2  1 
ATOM   179 H HE1  . TYR A 1 11 ? -7.123 4.121   8.718   1.00 0.00 ? 11 TYR A HE1  1 
ATOM   180 H HE2  . TYR A 1 11 ? -7.211 0.176   6.986   1.00 0.00 ? 11 TYR A HE2  1 
ATOM   181 H HH   . TYR A 1 11 ? -9.026 3.085   8.002   1.00 0.00 ? 11 TYR A HH   1 
HETATM 182 N N    . DLE A 1 12 ? 0.108  3.380   9.146   1.00 0.00 ? 12 DLE A N    1 
HETATM 183 C CA   . DLE A 1 12 ? 1.550  3.168   9.335   1.00 0.00 ? 12 DLE A CA   1 
HETATM 184 C CB   . DLE A 1 12 ? 1.809  2.470   10.695  1.00 0.00 ? 12 DLE A CB   1 
HETATM 185 C CG   . DLE A 1 12 ? 2.206  0.980   10.605  1.00 0.00 ? 12 DLE A CG   1 
HETATM 186 C CD1  . DLE A 1 12 ? 1.169  0.113   9.878   1.00 0.00 ? 12 DLE A CD1  1 
HETATM 187 C CD2  . DLE A 1 12 ? 3.590  0.805   9.963   1.00 0.00 ? 12 DLE A CD2  1 
HETATM 188 C C    . DLE A 1 12 ? 2.307  4.507   9.227   1.00 0.00 ? 12 DLE A C    1 
HETATM 189 O O    . DLE A 1 12 ? 2.055  5.423   10.010  1.00 0.00 ? 12 DLE A O    1 
HETATM 190 H H    . DLE A 1 12 ? -0.333 4.081   9.722   1.00 0.00 ? 12 DLE A H    1 
HETATM 191 H HA   . DLE A 1 12 ? 1.929  2.526   8.543   1.00 0.00 ? 12 DLE A HA   1 
HETATM 192 H HB2  . DLE A 1 12 ? 2.620  2.978   11.222  1.00 0.00 ? 12 DLE A HB2  1 
HETATM 193 H HB3  . DLE A 1 12 ? 0.926  2.553   11.332  1.00 0.00 ? 12 DLE A HB3  1 
HETATM 194 H HG   . DLE A 1 12 ? 2.275  0.609   11.630  1.00 0.00 ? 12 DLE A HG   1 
HETATM 195 H HD11 . DLE A 1 12 ? 0.167  0.326   10.251  1.00 0.00 ? 12 DLE A HD11 1 
HETATM 196 H HD12 . DLE A 1 12 ? 1.203  0.292   8.805   1.00 0.00 ? 12 DLE A HD12 1 
HETATM 197 H HD13 . DLE A 1 12 ? 1.389  -0.942  10.049  1.00 0.00 ? 12 DLE A HD13 1 
HETATM 198 H HD21 . DLE A 1 12 ? 4.336  1.360   10.530  1.00 0.00 ? 12 DLE A HD21 1 
HETATM 199 H HD22 . DLE A 1 12 ? 3.870  -0.249  9.950   1.00 0.00 ? 12 DLE A HD22 1 
HETATM 200 H HD23 . DLE A 1 12 ? 3.591  1.170   8.937   1.00 0.00 ? 12 DLE A HD23 1 
ATOM   201 N N    . TRP A 1 13 ? 3.245  4.615   8.274   1.00 0.00 ? 13 TRP A N    1 
ATOM   202 C CA   . TRP A 1 13 ? 4.109  5.784   8.074   1.00 0.00 ? 13 TRP A CA   1 
ATOM   203 C C    . TRP A 1 13 ? 3.627  6.697   6.929   1.00 0.00 ? 13 TRP A C    1 
ATOM   204 O O    . TRP A 1 13 ? 2.979  6.251   5.983   1.00 0.00 ? 13 TRP A O    1 
ATOM   205 C CB   . TRP A 1 13 ? 5.534  5.295   7.786   1.00 0.00 ? 13 TRP A CB   1 
ATOM   206 C CG   . TRP A 1 13 ? 6.234  4.572   8.902   1.00 0.00 ? 13 TRP A CG   1 
ATOM   207 C CD1  . TRP A 1 13 ? 6.810  5.166   9.971   1.00 0.00 ? 13 TRP A CD1  1 
ATOM   208 C CD2  . TRP A 1 13 ? 6.478  3.140   9.069   1.00 0.00 ? 13 TRP A CD2  1 
ATOM   209 N NE1  . TRP A 1 13 ? 7.398  4.218   10.785  1.00 0.00 ? 13 TRP A NE1  1 
ATOM   210 C CE2  . TRP A 1 13 ? 7.234  2.950   10.269  1.00 0.00 ? 13 TRP A CE2  1 
ATOM   211 C CE3  . TRP A 1 13 ? 6.148  1.979   8.328   1.00 0.00 ? 13 TRP A CE3  1 
ATOM   212 C CZ2  . TRP A 1 13 ? 7.652  1.677   10.702  1.00 0.00 ? 13 TRP A CZ2  1 
ATOM   213 C CZ3  . TRP A 1 13 ? 6.583  0.700   8.736   1.00 0.00 ? 13 TRP A CZ3  1 
ATOM   214 C CH2  . TRP A 1 13 ? 7.331  0.546   9.923   1.00 0.00 ? 13 TRP A CH2  1 
ATOM   215 H H    . TRP A 1 13 ? 3.383  3.829   7.647   1.00 0.00 ? 13 TRP A H    1 
ATOM   216 H HA   . TRP A 1 13 ? 4.148  6.377   8.991   1.00 0.00 ? 13 TRP A HA   1 
ATOM   217 H HB2  . TRP A 1 13 ? 5.471  4.644   6.922   1.00 0.00 ? 13 TRP A HB2  1 
ATOM   218 H HB3  . TRP A 1 13 ? 6.165  6.136   7.493   1.00 0.00 ? 13 TRP A HB3  1 
ATOM   219 H HD1  . TRP A 1 13 ? 6.823  6.232   10.146  1.00 0.00 ? 13 TRP A HD1  1 
ATOM   220 H HE1  . TRP A 1 13 ? 7.898  4.404   11.643  1.00 0.00 ? 13 TRP A HE1  1 
ATOM   221 H HE3  . TRP A 1 13 ? 5.545  2.071   7.440   1.00 0.00 ? 13 TRP A HE3  1 
ATOM   222 H HZ2  . TRP A 1 13 ? 8.220  1.569   11.615  1.00 0.00 ? 13 TRP A HZ2  1 
ATOM   223 H HZ3  . TRP A 1 13 ? 6.327  -0.162  8.138   1.00 0.00 ? 13 TRP A HZ3  1 
ATOM   224 H HH2  . TRP A 1 13 ? 7.654  -0.437  10.231  1.00 0.00 ? 13 TRP A HH2  1 
HETATM 225 N N    . DLE A 1 14 ? 4.018  7.976   6.996   1.00 0.00 ? 14 DLE A N    1 
HETATM 226 C CA   . DLE A 1 14 ? 3.839  8.974   5.940   1.00 0.00 ? 14 DLE A CA   1 
HETATM 227 C CB   . DLE A 1 14 ? 5.161  9.747   5.743   1.00 0.00 ? 14 DLE A CB   1 
HETATM 228 C CG   . DLE A 1 14 ? 6.396  8.865   5.466   1.00 0.00 ? 14 DLE A CG   1 
HETATM 229 C CD1  . DLE A 1 14 ? 6.204  7.929   4.264   1.00 0.00 ? 14 DLE A CD1  1 
HETATM 230 C CD2  . DLE A 1 14 ? 7.620  9.762   5.226   1.00 0.00 ? 14 DLE A CD2  1 
HETATM 231 C C    . DLE A 1 14 ? 2.669  9.920   6.272   1.00 0.00 ? 14 DLE A C    1 
HETATM 232 O O    . DLE A 1 14 ? 2.854  10.914  6.975   1.00 0.00 ? 14 DLE A O    1 
HETATM 233 H H    . DLE A 1 14 ? 4.537  8.263   7.811   1.00 0.00 ? 14 DLE A H    1 
HETATM 234 H HA   . DLE A 1 14 ? 3.614  8.489   4.988   1.00 0.00 ? 14 DLE A HA   1 
HETATM 235 H HB2  . DLE A 1 14 ? 5.033  10.440  4.911   1.00 0.00 ? 14 DLE A HB2  1 
HETATM 236 H HB3  . DLE A 1 14 ? 5.367  10.337  6.638   1.00 0.00 ? 14 DLE A HB3  1 
HETATM 237 H HG   . DLE A 1 14 ? 6.603  8.254   6.347   1.00 0.00 ? 14 DLE A HG   1 
HETATM 238 H HD11 . DLE A 1 14 ? 5.948  8.508   3.376   1.00 0.00 ? 14 DLE A HD11 1 
HETATM 239 H HD12 . DLE A 1 14 ? 7.124  7.377   4.072   1.00 0.00 ? 14 DLE A HD12 1 
HETATM 240 H HD13 . DLE A 1 14 ? 5.414  7.204   4.464   1.00 0.00 ? 14 DLE A HD13 1 
HETATM 241 H HD21 . DLE A 1 14 ? 7.785  10.408  6.090   1.00 0.00 ? 14 DLE A HD21 1 
HETATM 242 H HD22 . DLE A 1 14 ? 8.510  9.149   5.076   1.00 0.00 ? 14 DLE A HD22 1 
HETATM 243 H HD23 . DLE A 1 14 ? 7.465  10.384  4.343   1.00 0.00 ? 14 DLE A HD23 1 
ATOM   244 N N    . TRP A 1 15 ? 1.471  9.623   5.750   1.00 0.00 ? 15 TRP A N    1 
ATOM   245 C CA   . TRP A 1 15 ? 0.286  10.487  5.830   1.00 0.00 ? 15 TRP A CA   1 
ATOM   246 C C    . TRP A 1 15 ? -1.030 9.684   5.938   1.00 0.00 ? 15 TRP A C    1 
ATOM   247 O O    . TRP A 1 15 ? -1.053 8.459   5.815   1.00 0.00 ? 15 TRP A O    1 
ATOM   248 C CB   . TRP A 1 15 ? 0.270  11.427  4.606   1.00 0.00 ? 15 TRP A CB   1 
ATOM   249 C CG   . TRP A 1 15 ? 1.509  12.254  4.392   1.00 0.00 ? 15 TRP A CG   1 
ATOM   250 C CD1  . TRP A 1 15 ? 1.784  13.431  4.997   1.00 0.00 ? 15 TRP A CD1  1 
ATOM   251 C CD2  . TRP A 1 15 ? 2.689  11.934  3.591   1.00 0.00 ? 15 TRP A CD2  1 
ATOM   252 N NE1  . TRP A 1 15 ? 3.039  13.872  4.628   1.00 0.00 ? 15 TRP A NE1  1 
ATOM   253 C CE2  . TRP A 1 15 ? 3.650  12.979  3.772   1.00 0.00 ? 15 TRP A CE2  1 
ATOM   254 C CE3  . TRP A 1 15 ? 3.058  10.857  2.748   1.00 0.00 ? 15 TRP A CE3  1 
ATOM   255 C CZ2  . TRP A 1 15 ? 4.913  12.954  3.149   1.00 0.00 ? 15 TRP A CZ2  1 
ATOM   256 C CZ3  . TRP A 1 15 ? 4.324  10.819  2.123   1.00 0.00 ? 15 TRP A CZ3  1 
ATOM   257 C CH2  . TRP A 1 15 ? 5.251  11.861  2.325   1.00 0.00 ? 15 TRP A CH2  1 
ATOM   258 H H    . TRP A 1 15 ? 1.400  8.793   5.176   1.00 0.00 ? 15 TRP A H    1 
ATOM   259 H HA   . TRP A 1 15 ? 0.347  11.102  6.730   1.00 0.00 ? 15 TRP A HA   1 
ATOM   260 H HB2  . TRP A 1 15 ? 0.125  10.818  3.714   1.00 0.00 ? 15 TRP A HB2  1 
ATOM   261 H HB3  . TRP A 1 15 ? -0.581 12.106  4.679   1.00 0.00 ? 15 TRP A HB3  1 
ATOM   262 H HD1  . TRP A 1 15 ? 1.130  13.937  5.692   1.00 0.00 ? 15 TRP A HD1  1 
ATOM   263 H HE1  . TRP A 1 15 ? 3.486  14.718  4.950   1.00 0.00 ? 15 TRP A HE1  1 
ATOM   264 H HE3  . TRP A 1 15 ? 2.361  10.049  2.594   1.00 0.00 ? 15 TRP A HE3  1 
ATOM   265 H HZ2  . TRP A 1 15 ? 5.618  13.756  3.311   1.00 0.00 ? 15 TRP A HZ2  1 
ATOM   266 H HZ3  . TRP A 1 15 ? 4.597  9.981   1.499   1.00 0.00 ? 15 TRP A HZ3  1 
ATOM   267 H HH2  . TRP A 1 15 ? 6.223  11.807  1.854   1.00 0.00 ? 15 TRP A HH2  1 
HETATM 268 C CA   . ETA A 1 16 ? -3.492 9.831   6.168   1.00 0.00 ? 16 ETA A CA   1 
HETATM 269 N N    . ETA A 1 16 ? -2.144 10.391  6.156   1.00 0.00 ? 16 ETA A N    1 
HETATM 270 C C    . ETA A 1 16 ? -4.080 9.827   4.748   1.00 0.00 ? 16 ETA A C    1 
HETATM 271 O O    . ETA A 1 16 ? -4.132 11.142  4.228   1.00 0.00 ? 16 ETA A O    1 
HETATM 272 H HA1  . ETA A 1 16 ? -3.478 8.814   6.566   1.00 0.00 ? 16 ETA A HA1  1 
HETATM 273 H HA2  . ETA A 1 16 ? -4.126 10.439  6.814   1.00 0.00 ? 16 ETA A HA2  1 
HETATM 274 H H    . ETA A 1 16 ? -2.061 11.393  6.229   1.00 0.00 ? 16 ETA A H    1 
HETATM 275 H HB1  . ETA A 1 16 ? -5.092 9.420   4.774   1.00 0.00 ? 16 ETA A HB1  1 
HETATM 276 H HB2  . ETA A 1 16 ? -3.466 9.200   4.100   1.00 0.00 ? 16 ETA A HB2  1 
HETATM 277 H HO   . ETA A 1 16 ? -4.476 11.110  3.332   1.00 0.00 ? 16 ETA A HO   1 
HETATM 278 C C    . QPH B 1 1  ? -1.587 -1.962  0.946   1.00 0.00 ? 1  QPH B C    1 
HETATM 279 N N    . QPH B 1 1  ? 0.482  -2.718  2.143   1.00 0.00 ? 1  QPH B N    1 
HETATM 280 O O    . QPH B 1 1  ? -1.391 -0.758  1.120   1.00 0.00 ? 1  QPH B O    1 
HETATM 281 C CA   . QPH B 1 1  ? -0.924 -3.006  1.867   1.00 0.00 ? 1  QPH B CA   1 
HETATM 282 C CB   . QPH B 1 1  ? -1.670 -3.080  3.208   1.00 0.00 ? 1  QPH B CB   1 
HETATM 283 C CG   . QPH B 1 1  ? -2.985 -3.827  3.152   1.00 0.00 ? 1  QPH B CG   1 
HETATM 284 C CZ   . QPH B 1 1  ? -5.415 -5.244  2.926   1.00 0.00 ? 1  QPH B CZ   1 
HETATM 285 C CD1  . QPH B 1 1  ? -4.152 -3.163  2.720   1.00 0.00 ? 1  QPH B CD1  1 
HETATM 286 C CD2  . QPH B 1 1  ? -3.036 -5.196  3.492   1.00 0.00 ? 1  QPH B CD2  1 
HETATM 287 C CE1  . QPH B 1 1  ? -5.367 -3.870  2.603   1.00 0.00 ? 1  QPH B CE1  1 
HETATM 288 C CE2  . QPH B 1 1  ? -4.250 -5.905  3.376   1.00 0.00 ? 1  QPH B CE2  1 
HETATM 289 H H    . QPH B 1 1  ? 0.745  -1.745  2.247   1.00 0.00 ? 1  QPH B H    1 
HETATM 290 H HA   . QPH B 1 1  ? -0.979 -3.984  1.391   1.00 0.00 ? 1  QPH B HA   1 
HETATM 291 H HZ   . QPH B 1 1  ? -6.344 -5.788  2.833   1.00 0.00 ? 1  QPH B HZ   1 
HETATM 292 H HB2  . QPH B 1 1  ? -1.041 -3.543  3.971   1.00 0.00 ? 1  QPH B HB2  1 
HETATM 293 H HB3  . QPH B 1 1  ? -1.877 -2.065  3.533   1.00 0.00 ? 1  QPH B HB3  1 
HETATM 294 H HD1  . QPH B 1 1  ? -4.095 -2.112  2.474   1.00 0.00 ? 1  QPH B HD1  1 
HETATM 295 O O1   . QPH B 1 1  ? 1.136  -4.861  2.347   1.00 0.00 ? 1  QPH B O1   1 
HETATM 296 H HD2  . QPH B 1 1  ? -2.136 -5.695  3.832   1.00 0.00 ? 1  QPH B HD2  1 
HETATM 297 C CN   . QPH B 1 1  ? 1.376  -3.660  2.460   1.00 0.00 ? 1  QPH B CN   1 
HETATM 298 H HE1  . QPH B 1 1  ? -6.258 -3.360  2.265   1.00 0.00 ? 1  QPH B HE1  1 
HETATM 299 H HE2  . QPH B 1 1  ? -4.287 -6.956  3.626   1.00 0.00 ? 1  QPH B HE2  1 
HETATM 300 H HNA  . QPH B 1 1  ? 2.345  -3.359  2.840   1.00 0.00 ? 1  QPH B HNA  1 
ATOM   301 N N    . GLY B 1 2  ? -2.449 -2.422  0.030   1.00 0.00 ? 2  GLY B N    1 
ATOM   302 C CA   . GLY B 1 2  ? -3.324 -1.582  -0.788  1.00 0.00 ? 2  GLY B CA   1 
ATOM   303 C C    . GLY B 1 2  ? -2.707 -1.182  -2.137  1.00 0.00 ? 2  GLY B C    1 
ATOM   304 O O    . GLY B 1 2  ? -2.025 -1.985  -2.771  1.00 0.00 ? 2  GLY B O    1 
ATOM   305 H H    . GLY B 1 2  ? -2.533 -3.427  -0.062  1.00 0.00 ? 2  GLY B H    1 
ATOM   306 H HA2  . GLY B 1 2  ? -4.236 -2.145  -0.993  1.00 0.00 ? 2  GLY B HA2  1 
ATOM   307 H HA3  . GLY B 1 2  ? -3.615 -0.694  -0.229  1.00 0.00 ? 2  GLY B HA3  1 
ATOM   308 N N    . ALA B 1 3  ? -2.988 0.044   -2.600  1.00 0.00 ? 3  ALA B N    1 
ATOM   309 C CA   . ALA B 1 3  ? -2.602 0.545   -3.922  1.00 0.00 ? 3  ALA B CA   1 
ATOM   310 C C    . ALA B 1 3  ? -1.206 1.199   -3.904  1.00 0.00 ? 3  ALA B C    1 
ATOM   311 O O    . ALA B 1 3  ? -1.057 2.349   -3.488  1.00 0.00 ? 3  ALA B O    1 
ATOM   312 C CB   . ALA B 1 3  ? -3.687 1.499   -4.440  1.00 0.00 ? 3  ALA B CB   1 
ATOM   313 H H    . ALA B 1 3  ? -3.510 0.666   -1.997  1.00 0.00 ? 3  ALA B H    1 
ATOM   314 H HA   . ALA B 1 3  ? -2.587 -0.287  -4.630  1.00 0.00 ? 3  ALA B HA   1 
ATOM   315 H HB1  . ALA B 1 3  ? -3.798 2.351   -3.771  1.00 0.00 ? 3  ALA B HB1  1 
ATOM   316 H HB2  . ALA B 1 3  ? -3.421 1.861   -5.434  1.00 0.00 ? 3  ALA B HB2  1 
ATOM   317 H HB3  . ALA B 1 3  ? -4.643 0.976   -4.504  1.00 0.00 ? 3  ALA B HB3  1 
HETATM 318 N N    . DLE B 1 4  ? -0.193 0.463   -4.380  1.00 0.00 ? 4  DLE B N    1 
HETATM 319 C CA   . DLE B 1 4  ? 1.212  0.869   -4.454  1.00 0.00 ? 4  DLE B CA   1 
HETATM 320 C CB   . DLE B 1 4  ? 1.427  1.836   -5.639  1.00 0.00 ? 4  DLE B CB   1 
HETATM 321 C CG   . DLE B 1 4  ? 2.710  2.685   -5.525  1.00 0.00 ? 4  DLE B CG   1 
HETATM 322 C CD1  . DLE B 1 4  ? 3.981  1.854   -5.748  1.00 0.00 ? 4  DLE B CD1  1 
HETATM 323 C CD2  . DLE B 1 4  ? 2.667  3.819   -6.560  1.00 0.00 ? 4  DLE B CD2  1 
HETATM 324 C C    . DLE B 1 4  ? 2.096  -0.391  -4.522  1.00 0.00 ? 4  DLE B C    1 
HETATM 325 O O    . DLE B 1 4  ? 2.422  -0.885  -5.605  1.00 0.00 ? 4  DLE B O    1 
HETATM 326 H H    . DLE B 1 4  ? -0.419 -0.475  -4.687  1.00 0.00 ? 4  DLE B H    1 
HETATM 327 H HA   . DLE B 1 4  ? 1.462  1.410   -3.541  1.00 0.00 ? 4  DLE B HA   1 
HETATM 328 H HB2  . DLE B 1 4  ? 1.435  1.285   -6.581  1.00 0.00 ? 4  DLE B HB2  1 
HETATM 329 H HB3  . DLE B 1 4  ? 0.586  2.532   -5.669  1.00 0.00 ? 4  DLE B HB3  1 
HETATM 330 H HG   . DLE B 1 4  ? 2.750  3.148   -4.538  1.00 0.00 ? 4  DLE B HG   1 
HETATM 331 H HD11 . DLE B 1 4  ? 3.875  1.285   -6.670  1.00 0.00 ? 4  DLE B HD11 1 
HETATM 332 H HD12 . DLE B 1 4  ? 4.854  2.502   -5.833  1.00 0.00 ? 4  DLE B HD12 1 
HETATM 333 H HD13 . DLE B 1 4  ? 4.155  1.167   -4.922  1.00 0.00 ? 4  DLE B HD13 1 
HETATM 334 H HD21 . DLE B 1 4  ? 1.791  4.446   -6.390  1.00 0.00 ? 4  DLE B HD21 1 
HETATM 335 H HD22 . DLE B 1 4  ? 3.560  4.441   -6.467  1.00 0.00 ? 4  DLE B HD22 1 
HETATM 336 H HD23 . DLE B 1 4  ? 2.623  3.406   -7.568  1.00 0.00 ? 4  DLE B HD23 1 
ATOM   337 N N    . ALA B 1 5  ? 2.462  -0.932  -3.354  1.00 0.00 ? 5  ALA B N    1 
ATOM   338 C CA   . ALA B 1 5  ? 3.155  -2.215  -3.227  1.00 0.00 ? 5  ALA B CA   1 
ATOM   339 C C    . ALA B 1 5  ? 2.799  -2.943  -1.919  1.00 0.00 ? 5  ALA B C    1 
ATOM   340 O O    . ALA B 1 5  ? 2.271  -2.346  -0.980  1.00 0.00 ? 5  ALA B O    1 
ATOM   341 C CB   . ALA B 1 5  ? 4.678  -2.044  -3.377  1.00 0.00 ? 5  ALA B CB   1 
ATOM   342 H H    . ALA B 1 5  ? 2.119  -0.499  -2.504  1.00 0.00 ? 5  ALA B H    1 
ATOM   343 H HA   . ALA B 1 5  ? 2.805  -2.838  -4.047  1.00 0.00 ? 5  ALA B HA   1 
ATOM   344 H HB1  . ALA B 1 5  ? 4.910  -1.382  -4.211  1.00 0.00 ? 5  ALA B HB1  1 
ATOM   345 H HB2  . ALA B 1 5  ? 5.129  -1.643  -2.473  1.00 0.00 ? 5  ALA B HB2  1 
ATOM   346 H HB3  . ALA B 1 5  ? 5.141  -3.013  -3.557  1.00 0.00 ? 5  ALA B HB3  1 
HETATM 347 N N    . DVA B 1 6  ? 3.115  -4.241  -1.857  1.00 0.00 ? 6  DVA B N    1 
HETATM 348 C CA   . DVA B 1 6  ? 2.887  -5.108  -0.699  1.00 0.00 ? 6  DVA B CA   1 
HETATM 349 C CB   . DVA B 1 6  ? 4.229  -5.678  -0.186  1.00 0.00 ? 6  DVA B CB   1 
HETATM 350 C CG1  . DVA B 1 6  ? 5.302  -4.581  -0.042  1.00 0.00 ? 6  DVA B CG1  1 
HETATM 351 C CG2  . DVA B 1 6  ? 4.036  -6.368  1.174   1.00 0.00 ? 6  DVA B CG2  1 
HETATM 352 C C    . DVA B 1 6  ? 1.879  -6.207  -1.089  1.00 0.00 ? 6  DVA B C    1 
HETATM 353 O O    . DVA B 1 6  ? 2.122  -6.957  -2.034  1.00 0.00 ? 6  DVA B O    1 
HETATM 354 H H    . DVA B 1 6  ? 3.528  -4.655  -2.683  1.00 0.00 ? 6  DVA B H    1 
HETATM 355 H HA   . DVA B 1 6  ? 2.472  -4.513  0.114   1.00 0.00 ? 6  DVA B HA   1 
HETATM 356 H HB   . DVA B 1 6  ? 4.599  -6.420  -0.893  1.00 0.00 ? 6  DVA B HB   1 
HETATM 357 H HG11 . DVA B 1 6  ? 4.936  -3.776  0.595   1.00 0.00 ? 6  DVA B HG11 1 
HETATM 358 H HG12 . DVA B 1 6  ? 6.209  -4.998  0.395   1.00 0.00 ? 6  DVA B HG12 1 
HETATM 359 H HG13 . DVA B 1 6  ? 5.562  -4.167  -1.017  1.00 0.00 ? 6  DVA B HG13 1 
HETATM 360 H HG21 . DVA B 1 6  ? 3.279  -7.148  1.102   1.00 0.00 ? 6  DVA B HG21 1 
HETATM 361 H HG22 . DVA B 1 6  ? 4.973  -6.823  1.496   1.00 0.00 ? 6  DVA B HG22 1 
HETATM 362 H HG23 . DVA B 1 6  ? 3.724  -5.643  1.926   1.00 0.00 ? 6  DVA B HG23 1 
ATOM   363 N N    . VAL B 1 7  ? 0.730  -6.277  -0.401  1.00 0.00 ? 7  VAL B N    1 
ATOM   364 C CA   . VAL B 1 7  ? -0.435 -7.081  -0.803  1.00 0.00 ? 7  VAL B CA   1 
ATOM   365 C C    . VAL B 1 7  ? -1.609 -6.148  -1.182  1.00 0.00 ? 7  VAL B C    1 
ATOM   366 O O    . VAL B 1 7  ? -1.943 -5.237  -0.427  1.00 0.00 ? 7  VAL B O    1 
ATOM   367 C CB   . VAL B 1 7  ? -0.812 -8.109  0.297   1.00 0.00 ? 7  VAL B CB   1 
ATOM   368 C CG1  . VAL B 1 7  ? 0.342  -9.046  0.706   1.00 0.00 ? 7  VAL B CG1  1 
ATOM   369 C CG2  . VAL B 1 7  ? -1.328 -7.435  1.572   1.00 0.00 ? 7  VAL B CG2  1 
ATOM   370 H H    . VAL B 1 7  ? 0.618  -5.656  0.392   1.00 0.00 ? 7  VAL B H    1 
ATOM   371 H HA   . VAL B 1 7  ? -0.190 -7.658  -1.693  1.00 0.00 ? 7  VAL B HA   1 
ATOM   372 H HB   . VAL B 1 7  ? -1.617 -8.737  -0.092  1.00 0.00 ? 7  VAL B HB   1 
ATOM   373 H HG11 . VAL B 1 7  ? 1.240  -8.481  0.954   1.00 0.00 ? 7  VAL B HG11 1 
ATOM   374 H HG12 . VAL B 1 7  ? 0.066  -9.648  1.571   1.00 0.00 ? 7  VAL B HG12 1 
ATOM   375 H HG13 . VAL B 1 7  ? 0.568  -9.752  -0.082  1.00 0.00 ? 7  VAL B HG13 1 
ATOM   376 H HG21 . VAL B 1 7  ? -2.253 -6.905  1.363   1.00 0.00 ? 7  VAL B HG21 1 
ATOM   377 H HG22 . VAL B 1 7  ? -1.533 -8.190  2.330   1.00 0.00 ? 7  VAL B HG22 1 
ATOM   378 H HG23 . VAL B 1 7  ? -0.577 -6.743  1.951   1.00 0.00 ? 7  VAL B HG23 1 
HETATM 379 N N    . DVA B 1 8  ? -2.243 -6.347  -2.348  1.00 0.00 ? 8  DVA B N    1 
HETATM 380 C CA   . DVA B 1 8  ? -3.369 -5.526  -2.818  1.00 0.00 ? 8  DVA B CA   1 
HETATM 381 C CB   . DVA B 1 8  ? -4.719 -6.210  -2.496  1.00 0.00 ? 8  DVA B CB   1 
HETATM 382 C CG1  . DVA B 1 8  ? -4.845 -6.684  -1.038  1.00 0.00 ? 8  DVA B CG1  1 
HETATM 383 C CG2  . DVA B 1 8  ? -5.888 -5.250  -2.781  1.00 0.00 ? 8  DVA B CG2  1 
HETATM 384 C C    . DVA B 1 8  ? -3.234 -5.219  -4.325  1.00 0.00 ? 8  DVA B C    1 
HETATM 385 O O    . DVA B 1 8  ? -3.501 -6.080  -5.161  1.00 0.00 ? 8  DVA B O    1 
HETATM 386 H H    . DVA B 1 8  ? -1.916 -7.087  -2.955  1.00 0.00 ? 8  DVA B H    1 
HETATM 387 H HA   . DVA B 1 8  ? -3.369 -4.570  -2.289  1.00 0.00 ? 8  DVA B HA   1 
HETATM 388 H HB   . DVA B 1 8  ? -4.816 -7.091  -3.132  1.00 0.00 ? 8  DVA B HB   1 
HETATM 389 H HG11 . DVA B 1 8  ? -4.719 -5.845  -0.355  1.00 0.00 ? 8  DVA B HG11 1 
HETATM 390 H HG12 . DVA B 1 8  ? -5.832 -7.126  -0.880  1.00 0.00 ? 8  DVA B HG12 1 
HETATM 391 H HG13 . DVA B 1 8  ? -4.101 -7.449  -0.815  1.00 0.00 ? 8  DVA B HG13 1 
HETATM 392 H HG21 . DVA B 1 8  ? -5.896 -4.953  -3.828  1.00 0.00 ? 8  DVA B HG21 1 
HETATM 393 H HG22 . DVA B 1 8  ? -6.840 -5.731  -2.556  1.00 0.00 ? 8  DVA B HG22 1 
HETATM 394 H HG23 . DVA B 1 8  ? -5.797 -4.355  -2.164  1.00 0.00 ? 8  DVA B HG23 1 
ATOM   395 N N    . TRP B 1 9  ? -2.854 -3.981  -4.669  1.00 0.00 ? 9  TRP B N    1 
ATOM   396 C CA   . TRP B 1 9  ? -2.772 -3.446  -6.033  1.00 0.00 ? 9  TRP B CA   1 
ATOM   397 C C    . TRP B 1 9  ? -1.372 -2.873  -6.327  1.00 0.00 ? 9  TRP B C    1 
ATOM   398 O O    . TRP B 1 9  ? -0.837 -2.095  -5.540  1.00 0.00 ? 9  TRP B O    1 
ATOM   399 C CB   . TRP B 1 9  ? -3.874 -2.382  -6.250  1.00 0.00 ? 9  TRP B CB   1 
ATOM   400 C CG   . TRP B 1 9  ? -5.046 -2.809  -7.090  1.00 0.00 ? 9  TRP B CG   1 
ATOM   401 C CD1  . TRP B 1 9  ? -5.817 -3.896  -6.865  1.00 0.00 ? 9  TRP B CD1  1 
ATOM   402 C CD2  . TRP B 1 9  ? -5.575 -2.195  -8.306  1.00 0.00 ? 9  TRP B CD2  1 
ATOM   403 N NE1  . TRP B 1 9  ? -6.783 -4.008  -7.844  1.00 0.00 ? 9  TRP B NE1  1 
ATOM   404 C CE2  . TRP B 1 9  ? -6.678 -2.985  -8.763  1.00 0.00 ? 9  TRP B CE2  1 
ATOM   405 C CE3  . TRP B 1 9  ? -5.229 -1.058  -9.080  1.00 0.00 ? 9  TRP B CE3  1 
ATOM   406 C CZ2  . TRP B 1 9  ? -7.404 -2.661  -9.925  1.00 0.00 ? 9  TRP B CZ2  1 
ATOM   407 C CZ3  . TRP B 1 9  ? -5.953 -0.723  -10.247 1.00 0.00 ? 9  TRP B CZ3  1 
ATOM   408 C CH2  . TRP B 1 9  ? -7.038 -1.520  -10.669 1.00 0.00 ? 9  TRP B CH2  1 
ATOM   409 H H    . TRP B 1 9  ? -2.602 -3.347  -3.922  1.00 0.00 ? 9  TRP B H    1 
ATOM   410 H HA   . TRP B 1 9  ? -2.949 -4.250  -6.745  1.00 0.00 ? 9  TRP B HA   1 
ATOM   411 H HB2  . TRP B 1 9  ? -4.260 -2.028  -5.291  1.00 0.00 ? 9  TRP B HB2  1 
ATOM   412 H HB3  . TRP B 1 9  ? -3.444 -1.510  -6.745  1.00 0.00 ? 9  TRP B HB3  1 
ATOM   413 H HD1  . TRP B 1 9  ? -5.685 -4.590  -6.050  1.00 0.00 ? 9  TRP B HD1  1 
ATOM   414 H HE1  . TRP B 1 9  ? -7.476 -4.738  -7.908  1.00 0.00 ? 9  TRP B HE1  1 
ATOM   415 H HE3  . TRP B 1 9  ? -4.402 -0.436  -8.772  1.00 0.00 ? 9  TRP B HE3  1 
ATOM   416 H HZ2  . TRP B 1 9  ? -8.230 -3.281  -10.243 1.00 0.00 ? 9  TRP B HZ2  1 
ATOM   417 H HZ3  . TRP B 1 9  ? -5.674 0.150   -10.820 1.00 0.00 ? 9  TRP B HZ3  1 
ATOM   418 H HH2  . TRP B 1 9  ? -7.587 -1.259  -11.562 1.00 0.00 ? 9  TRP B HH2  1 
HETATM 419 N N    . DLE B 1 10 ? -0.800 -3.221  -7.488  1.00 0.00 ? 10 DLE B N    1 
HETATM 420 C CA   . DLE B 1 10 ? 0.471  -2.693  -7.996  1.00 0.00 ? 10 DLE B CA   1 
HETATM 421 C CB   . DLE B 1 10 ? 0.278  -2.131  -9.426  1.00 0.00 ? 10 DLE B CB   1 
HETATM 422 C CG   . DLE B 1 10 ? 0.066  -0.604  -9.499  1.00 0.00 ? 10 DLE B CG   1 
HETATM 423 C CD1  . DLE B 1 10 ? -1.029 -0.108  -8.542  1.00 0.00 ? 10 DLE B CD1  1 
HETATM 424 C CD2  . DLE B 1 10 ? 1.387  0.151   -9.282  1.00 0.00 ? 10 DLE B CD2  1 
HETATM 425 C C    . DLE B 1 10 ? 1.562  -3.777  -7.939  1.00 0.00 ? 10 DLE B C    1 
HETATM 426 O O    . DLE B 1 10 ? 1.569  -4.694  -8.761  1.00 0.00 ? 10 DLE B O    1 
HETATM 427 H H    . DLE B 1 10 ? -1.262 -3.935  -8.037  1.00 0.00 ? 10 DLE B H    1 
HETATM 428 H HA   . DLE B 1 10 ? 0.811  -1.871  -7.369  1.00 0.00 ? 10 DLE B HA   1 
HETATM 429 H HB2  . DLE B 1 10 ? 1.147  -2.366  -10.045 1.00 0.00 ? 10 DLE B HB2  1 
HETATM 430 H HB3  . DLE B 1 10 ? -0.576 -2.613  -9.898  1.00 0.00 ? 10 DLE B HB3  1 
HETATM 431 H HG   . DLE B 1 10 ? -0.266 -0.373  -10.514 1.00 0.00 ? 10 DLE B HG   1 
HETATM 432 H HD11 . DLE B 1 10 ? -1.935 -0.697  -8.679  1.00 0.00 ? 10 DLE B HD11 1 
HETATM 433 H HD12 . DLE B 1 10 ? -0.705 -0.179  -7.504  1.00 0.00 ? 10 DLE B HD12 1 
HETATM 434 H HD13 . DLE B 1 10 ? -1.256 0.937   -8.757  1.00 0.00 ? 10 DLE B HD13 1 
HETATM 435 H HD21 . DLE B 1 10 ? 2.070  -0.075  -10.099 1.00 0.00 ? 10 DLE B HD21 1 
HETATM 436 H HD22 . DLE B 1 10 ? 1.208  1.226   -9.271  1.00 0.00 ? 10 DLE B HD22 1 
HETATM 437 H HD23 . DLE B 1 10 ? 1.861  -0.140  -8.345  1.00 0.00 ? 10 DLE B HD23 1 
ATOM   438 N N    . TYR B 1 11 ? 2.506  -3.640  -6.999  1.00 0.00 ? 11 TYR B N    1 
ATOM   439 C CA   . TYR B 1 11 ? 3.748  -4.418  -6.940  1.00 0.00 ? 11 TYR B CA   1 
ATOM   440 C C    . TYR B 1 11 ? 3.746  -5.394  -5.744  1.00 0.00 ? 11 TYR B C    1 
ATOM   441 O O    . TYR B 1 11 ? 3.758  -4.962  -4.594  1.00 0.00 ? 11 TYR B O    1 
ATOM   442 C CB   . TYR B 1 11 ? 4.941  -3.442  -6.882  1.00 0.00 ? 11 TYR B CB   1 
ATOM   443 C CG   . TYR B 1 11 ? 4.946  -2.287  -7.883  1.00 0.00 ? 11 TYR B CG   1 
ATOM   444 C CD1  . TYR B 1 11 ? 4.490  -2.476  -9.208  1.00 0.00 ? 11 TYR B CD1  1 
ATOM   445 C CD2  . TYR B 1 11 ? 5.404  -1.008  -7.485  1.00 0.00 ? 11 TYR B CD2  1 
ATOM   446 C CE1  . TYR B 1 11 ? 4.528  -1.412  -10.133 1.00 0.00 ? 11 TYR B CE1  1 
ATOM   447 C CE2  . TYR B 1 11 ? 5.468  0.047   -8.421  1.00 0.00 ? 11 TYR B CE2  1 
ATOM   448 C CZ   . TYR B 1 11 ? 5.024  -0.153  -9.741  1.00 0.00 ? 11 TYR B CZ   1 
ATOM   449 O OH   . TYR B 1 11 ? 5.066  0.874   -10.634 1.00 0.00 ? 11 TYR B OH   1 
ATOM   450 H H    . TYR B 1 11 ? 2.428  -2.847  -6.373  1.00 0.00 ? 11 TYR B H    1 
ATOM   451 H HA   . TYR B 1 11 ? 3.868  -5.004  -7.854  1.00 0.00 ? 11 TYR B HA   1 
ATOM   452 H HB2  . TYR B 1 11 ? 4.969  -3.014  -5.881  1.00 0.00 ? 11 TYR B HB2  1 
ATOM   453 H HB3  . TYR B 1 11 ? 5.863  -4.010  -7.018  1.00 0.00 ? 11 TYR B HB3  1 
ATOM   454 H HD1  . TYR B 1 11 ? 4.079  -3.424  -9.519  1.00 0.00 ? 11 TYR B HD1  1 
ATOM   455 H HD2  . TYR B 1 11 ? 5.688  -0.818  -6.459  1.00 0.00 ? 11 TYR B HD2  1 
ATOM   456 H HE1  . TYR B 1 11 ? 4.156  -1.559  -11.136 1.00 0.00 ? 11 TYR B HE1  1 
ATOM   457 H HE2  . TYR B 1 11 ? 5.826  1.019   -8.115  1.00 0.00 ? 11 TYR B HE2  1 
ATOM   458 H HH   . TYR B 1 11 ? 4.738  0.617   -11.498 1.00 0.00 ? 11 TYR B HH   1 
HETATM 459 N N    . DLE B 1 12 ? 3.746  -6.708  -6.004  1.00 0.00 ? 12 DLE B N    1 
HETATM 460 C CA   . DLE B 1 12 ? 3.781  -7.771  -4.990  1.00 0.00 ? 12 DLE B CA   1 
HETATM 461 C CB   . DLE B 1 12 ? 5.158  -8.485  -5.016  1.00 0.00 ? 12 DLE B CB   1 
HETATM 462 C CG   . DLE B 1 12 ? 6.097  -8.149  -3.838  1.00 0.00 ? 12 DLE B CG   1 
HETATM 463 C CD1  . DLE B 1 12 ? 6.403  -6.650  -3.706  1.00 0.00 ? 12 DLE B CD1  1 
HETATM 464 C CD2  . DLE B 1 12 ? 5.552  -8.697  -2.511  1.00 0.00 ? 12 DLE B CD2  1 
HETATM 465 C C    . DLE B 1 12 ? 2.619  -8.761  -5.210  1.00 0.00 ? 12 DLE B C    1 
HETATM 466 O O    . DLE B 1 12 ? 2.537  -9.387  -6.267  1.00 0.00 ? 12 DLE B O    1 
HETATM 467 H H    . DLE B 1 12 ? 3.710  -6.996  -6.970  1.00 0.00 ? 12 DLE B H    1 
HETATM 468 H HA   . DLE B 1 12 ? 3.641  -7.335  -4.003  1.00 0.00 ? 12 DLE B HA   1 
HETATM 469 H HB2  . DLE B 1 12 ? 5.013  -9.567  -5.001  1.00 0.00 ? 12 DLE B HB2  1 
HETATM 470 H HB3  . DLE B 1 12 ? 5.679  -8.256  -5.947  1.00 0.00 ? 12 DLE B HB3  1 
HETATM 471 H HG   . DLE B 1 12 ? 7.044  -8.656  -4.034  1.00 0.00 ? 12 DLE B HG   1 
HETATM 472 H HD11 . DLE B 1 12 ? 6.673  -6.231  -4.676  1.00 0.00 ? 12 DLE B HD11 1 
HETATM 473 H HD12 . DLE B 1 12 ? 5.543  -6.116  -3.307  1.00 0.00 ? 12 DLE B HD12 1 
HETATM 474 H HD13 . DLE B 1 12 ? 7.236  -6.506  -3.018  1.00 0.00 ? 12 DLE B HD13 1 
HETATM 475 H HD21 . DLE B 1 12 ? 5.412  -9.776  -2.585  1.00 0.00 ? 12 DLE B HD21 1 
HETATM 476 H HD22 . DLE B 1 12 ? 6.251  -8.489  -1.699  1.00 0.00 ? 12 DLE B HD22 1 
HETATM 477 H HD23 . DLE B 1 12 ? 4.597  -8.239  -2.264  1.00 0.00 ? 12 DLE B HD23 1 
ATOM   478 N N    . TRP B 1 13 ? 1.739  -8.918  -4.212  1.00 0.00 ? 13 TRP B N    1 
ATOM   479 C CA   . TRP B 1 13 ? 0.619  -9.866  -4.221  1.00 0.00 ? 13 TRP B CA   1 
ATOM   480 C C    . TRP B 1 13 ? -0.728 -9.201  -4.566  1.00 0.00 ? 13 TRP B C    1 
ATOM   481 O O    . TRP B 1 13 ? -0.938 -8.013  -4.320  1.00 0.00 ? 13 TRP B O    1 
ATOM   482 C CB   . TRP B 1 13 ? 0.532  -10.532 -2.841  1.00 0.00 ? 13 TRP B CB   1 
ATOM   483 C CG   . TRP B 1 13 ? 1.687  -11.410 -2.445  1.00 0.00 ? 13 TRP B CG   1 
ATOM   484 C CD1  . TRP B 1 13 ? 1.886  -12.674 -2.883  1.00 0.00 ? 13 TRP B CD1  1 
ATOM   485 C CD2  . TRP B 1 13 ? 2.783  -11.137 -1.520  1.00 0.00 ? 13 TRP B CD2  1 
ATOM   486 N NE1  . TRP B 1 13 ? 3.015  -13.209 -2.297  1.00 0.00 ? 13 TRP B NE1  1 
ATOM   487 C CE2  . TRP B 1 13 ? 3.603  -12.307 -1.436  1.00 0.00 ? 13 TRP B CE2  1 
ATOM   488 C CE3  . TRP B 1 13 ? 3.171  -10.024 -0.733  1.00 0.00 ? 13 TRP B CE3  1 
ATOM   489 C CZ2  . TRP B 1 13 ? 4.738  -12.373 -0.603  1.00 0.00 ? 13 TRP B CZ2  1 
ATOM   490 C CZ3  . TRP B 1 13 ? 4.288  -10.087 0.127   1.00 0.00 ? 13 TRP B CZ3  1 
ATOM   491 C CH2  . TRP B 1 13 ? 5.074  -11.256 0.189   1.00 0.00 ? 13 TRP B CH2  1 
ATOM   492 H H    . TRP B 1 13 ? 1.854  -8.351  -3.378  1.00 0.00 ? 13 TRP B H    1 
ATOM   493 H HA   . TRP B 1 13 ? 0.807  -10.655 -4.953  1.00 0.00 ? 13 TRP B HA   1 
ATOM   494 H HB2  . TRP B 1 13 ? 0.425  -9.734  -2.116  1.00 0.00 ? 13 TRP B HB2  1 
ATOM   495 H HB3  . TRP B 1 13 ? -0.375 -11.134 -2.773  1.00 0.00 ? 13 TRP B HB3  1 
ATOM   496 H HD1  . TRP B 1 13 ? 1.238  -13.192 -3.575  1.00 0.00 ? 13 TRP B HD1  1 
ATOM   497 H HE1  . TRP B 1 13 ? 3.377  -14.139 -2.452  1.00 0.00 ? 13 TRP B HE1  1 
ATOM   498 H HE3  . TRP B 1 13 ? 2.606  -9.109  -0.796  1.00 0.00 ? 13 TRP B HE3  1 
ATOM   499 H HZ2  . TRP B 1 13 ? 5.336  -13.272 -0.565  1.00 0.00 ? 13 TRP B HZ2  1 
ATOM   500 H HZ3  . TRP B 1 13 ? 4.545  -9.224  0.725   1.00 0.00 ? 13 TRP B HZ3  1 
ATOM   501 H HH2  . TRP B 1 13 ? 5.933  -11.294 0.844   1.00 0.00 ? 13 TRP B HH2  1 
HETATM 502 N N    . DLE B 1 14 ? -1.666 -10.007 -5.079  1.00 0.00 ? 14 DLE B N    1 
HETATM 503 C CA   . DLE B 1 14 ? -3.066 -9.643  -5.309  1.00 0.00 ? 14 DLE B CA   1 
HETATM 504 C CB   . DLE B 1 14 ? -3.978 -10.769 -4.778  1.00 0.00 ? 14 DLE B CB   1 
HETATM 505 C CG   . DLE B 1 14 ? -3.742 -11.157 -3.302  1.00 0.00 ? 14 DLE B CG   1 
HETATM 506 C CD1  . DLE B 1 14 ? -3.853 -9.960  -2.347  1.00 0.00 ? 14 DLE B CD1  1 
HETATM 507 C CD2  . DLE B 1 14 ? -4.755 -12.236 -2.891  1.00 0.00 ? 14 DLE B CD2  1 
HETATM 508 C C    . DLE B 1 14 ? -3.320 -9.359  -6.802  1.00 0.00 ? 14 DLE B C    1 
HETATM 509 O O    . DLE B 1 14 ? -3.586 -10.281 -7.573  1.00 0.00 ? 14 DLE B O    1 
HETATM 510 H H    . DLE B 1 14 ? -1.408 -10.964 -5.260  1.00 0.00 ? 14 DLE B H    1 
HETATM 511 H HA   . DLE B 1 14 ? -3.323 -8.740  -4.751  1.00 0.00 ? 14 DLE B HA   1 
HETATM 512 H HB2  . DLE B 1 14 ? -5.014 -10.456 -4.895  1.00 0.00 ? 14 DLE B HB2  1 
HETATM 513 H HB3  . DLE B 1 14 ? -3.828 -11.666 -5.384  1.00 0.00 ? 14 DLE B HB3  1 
HETATM 514 H HG   . DLE B 1 14 ? -2.744 -11.586 -3.201  1.00 0.00 ? 14 DLE B HG   1 
HETATM 515 H HD11 . DLE B 1 14 ? -4.824 -9.479  -2.460  1.00 0.00 ? 14 DLE B HD11 1 
HETATM 516 H HD12 . DLE B 1 14 ? -3.743 -10.297 -1.316  1.00 0.00 ? 14 DLE B HD12 1 
HETATM 517 H HD13 . DLE B 1 14 ? -3.064 -9.234  -2.547  1.00 0.00 ? 14 DLE B HD13 1 
HETATM 518 H HD21 . DLE B 1 14 ? -4.662 -13.104 -3.545  1.00 0.00 ? 14 DLE B HD21 1 
HETATM 519 H HD22 . DLE B 1 14 ? -4.569 -12.553 -1.864  1.00 0.00 ? 14 DLE B HD22 1 
HETATM 520 H HD23 . DLE B 1 14 ? -5.772 -11.846 -2.963  1.00 0.00 ? 14 DLE B HD23 1 
ATOM   521 N N    . TRP B 1 15 ? -3.255 -8.083  -7.205  1.00 0.00 ? 15 TRP B N    1 
ATOM   522 C CA   . TRP B 1 15 ? -3.619 -7.609  -8.546  1.00 0.00 ? 15 TRP B CA   1 
ATOM   523 C C    . TRP B 1 15 ? -2.747 -6.423  -9.016  1.00 0.00 ? 15 TRP B C    1 
ATOM   524 O O    . TRP B 1 15 ? -1.949 -5.867  -8.261  1.00 0.00 ? 15 TRP B O    1 
ATOM   525 C CB   . TRP B 1 15 ? -5.118 -7.242  -8.557  1.00 0.00 ? 15 TRP B CB   1 
ATOM   526 C CG   . TRP B 1 15 ? -6.066 -8.319  -8.106  1.00 0.00 ? 15 TRP B CG   1 
ATOM   527 C CD1  . TRP B 1 15 ? -6.546 -9.320  -8.879  1.00 0.00 ? 15 TRP B CD1  1 
ATOM   528 C CD2  . TRP B 1 15 ? -6.579 -8.576  -6.763  1.00 0.00 ? 15 TRP B CD2  1 
ATOM   529 N NE1  . TRP B 1 15 ? -7.326 -10.171 -8.122  1.00 0.00 ? 15 TRP B NE1  1 
ATOM   530 C CE2  . TRP B 1 15 ? -7.369 -9.768  -6.803  1.00 0.00 ? 15 TRP B CE2  1 
ATOM   531 C CE3  . TRP B 1 15 ? -6.441 -7.936  -5.506  1.00 0.00 ? 15 TRP B CE3  1 
ATOM   532 C CZ2  . TRP B 1 15 ? -7.987 -10.300 -5.654  1.00 0.00 ? 15 TRP B CZ2  1 
ATOM   533 C CZ3  . TRP B 1 15 ? -7.051 -8.464  -4.346  1.00 0.00 ? 15 TRP B CZ3  1 
ATOM   534 C CH2  . TRP B 1 15 ? -7.819 -9.643  -4.418  1.00 0.00 ? 15 TRP B CH2  1 
ATOM   535 H H    . TRP B 1 15 ? -3.037 -7.380  -6.510  1.00 0.00 ? 15 TRP B H    1 
ATOM   536 H HA   . TRP B 1 15 ? -3.462 -8.414  -9.269  1.00 0.00 ? 15 TRP B HA   1 
ATOM   537 H HB2  . TRP B 1 15 ? -5.261 -6.385  -7.900  1.00 0.00 ? 15 TRP B HB2  1 
ATOM   538 H HB3  . TRP B 1 15 ? -5.411 -6.934  -9.562  1.00 0.00 ? 15 TRP B HB3  1 
ATOM   539 H HD1  . TRP B 1 15 ? -6.329 -9.449  -9.929  1.00 0.00 ? 15 TRP B HD1  1 
ATOM   540 H HE1  . TRP B 1 15 ? -7.790 -11.002 -8.459  1.00 0.00 ? 15 TRP B HE1  1 
ATOM   541 H HE3  . TRP B 1 15 ? -5.847 -7.039  -5.435  1.00 0.00 ? 15 TRP B HE3  1 
ATOM   542 H HZ2  . TRP B 1 15 ? -8.573 -11.206 -5.719  1.00 0.00 ? 15 TRP B HZ2  1 
ATOM   543 H HZ3  . TRP B 1 15 ? -6.920 -7.976  -3.391  1.00 0.00 ? 15 TRP B HZ3  1 
ATOM   544 H HH2  . TRP B 1 15 ? -8.264 -10.044 -3.517  1.00 0.00 ? 15 TRP B HH2  1 
HETATM 545 C CA   . ETA B 1 16 ? -2.278 -4.849  -10.871 1.00 0.00 ? 16 ETA B CA   1 
HETATM 546 N N    . ETA B 1 16 ? -2.916 -6.022  -10.282 1.00 0.00 ? 16 ETA B N    1 
HETATM 547 C C    . ETA B 1 16 ? -3.135 -3.597  -10.629 1.00 0.00 ? 16 ETA B C    1 
HETATM 548 O O    . ETA B 1 16 ? -4.421 -3.758  -11.199 1.00 0.00 ? 16 ETA B O    1 
HETATM 549 H HA1  . ETA B 1 16 ? -1.282 -4.704  -10.447 1.00 0.00 ? 16 ETA B HA1  1 
HETATM 550 H HA2  . ETA B 1 16 ? -2.168 -5.005  -11.945 1.00 0.00 ? 16 ETA B HA2  1 
HETATM 551 H H    . ETA B 1 16 ? -3.600 -6.507  -10.843 1.00 0.00 ? 16 ETA B H    1 
HETATM 552 H HB1  . ETA B 1 16 ? -2.654 -2.733  -11.088 1.00 0.00 ? 16 ETA B HB1  1 
HETATM 553 H HB2  . ETA B 1 16 ? -3.229 -3.419  -9.557  1.00 0.00 ? 16 ETA B HB2  1 
HETATM 554 H HO   . ETA B 1 16 ? -4.946 -2.975  -11.012 1.00 0.00 ? 16 ETA B HO   1 
# 
